data_9RIB
#
_entry.id   9RIB
#
_cell.length_a   102.507
_cell.length_b   158.086
_cell.length_c   69.156
_cell.angle_alpha   90.000
_cell.angle_beta   124.560
_cell.angle_gamma   90.000
#
_symmetry.space_group_name_H-M   'C 1 2 1'
#
loop_
_entity.id
_entity.type
_entity.pdbx_description
1 polymer 'Dual specificity protein phosphatase CDC14A'
2 non-polymer GLYCEROL
3 non-polymer 'SULFATE ION'
4 water water
#
_entity_poly.entity_id   1
_entity_poly.type   'polypeptide(L)'
_entity_poly.pdbx_seq_one_letter_code
;AAESGELIGACEFMKDRLYFATLRNRPKSTINIHYFSIDEELVYENFYADFGPLNLAMVYRYCCKLNKKLKSYSLSRKKI
VHYTSFDQRKRANAAFLIGAYAVIYLKKTPEEAYRALLSGSNPPYLPFRDASFGNCTYNLTVLDCLQGIRKGLQHGFFDF
ETFDAEEYEHYERVENGDFNWIVPGKFLAFSGPHPKSKIENGYPLHAPEAYFPYFKKNNVTTIVRLNKKIYEAKRFTDAG
FEHYDLFFIDGSTPSDNIVRRFLNICENTEGAIAVHSKAGLGRTGTLIACYVMKHYRFTHAEIIAWIRICRPGSIIGPQQ
HFLKEKQASLWVQGDIFRSKLKNR
;
_entity_poly.pdbx_strand_id   A,B
#
# COMPACT_ATOMS: atom_id res chain seq x y z
N LEU A 7 -35.75 -13.22 30.78
CA LEU A 7 -35.19 -12.19 29.89
C LEU A 7 -34.27 -11.20 30.60
N ILE A 8 -33.57 -11.66 31.63
CA ILE A 8 -32.62 -10.82 32.32
C ILE A 8 -31.34 -10.74 31.50
N GLY A 9 -30.83 -9.51 31.33
CA GLY A 9 -29.68 -9.27 30.49
C GLY A 9 -30.03 -8.96 29.05
N ALA A 10 -31.29 -9.14 28.66
CA ALA A 10 -31.71 -8.93 27.28
C ALA A 10 -31.76 -7.44 26.98
N CYS A 11 -31.53 -7.11 25.71
CA CYS A 11 -31.50 -5.74 25.22
C CYS A 11 -32.86 -5.43 24.67
N GLU A 12 -33.45 -4.35 25.14
CA GLU A 12 -34.82 -3.98 24.77
C GLU A 12 -34.78 -3.00 23.60
N PHE A 13 -35.42 -3.38 22.51
CA PHE A 13 -35.54 -2.55 21.33
C PHE A 13 -36.92 -1.91 21.14
N MET A 14 -37.98 -2.59 21.56
CA MET A 14 -39.33 -2.04 21.59
C MET A 14 -39.91 -2.42 22.93
N LYS A 15 -40.28 -1.42 23.71
CA LYS A 15 -40.75 -1.63 25.07
C LYS A 15 -41.73 -2.79 25.11
N ASP A 16 -41.39 -3.81 25.90
CA ASP A 16 -42.27 -4.96 26.13
C ASP A 16 -42.62 -5.71 24.86
N ARG A 17 -41.81 -5.59 23.83
CA ARG A 17 -42.21 -6.15 22.55
C ARG A 17 -41.07 -6.81 21.77
N LEU A 18 -39.89 -6.17 21.68
CA LEU A 18 -38.77 -6.71 20.92
C LEU A 18 -37.50 -6.68 21.74
N TYR A 19 -36.79 -7.80 21.78
CA TYR A 19 -35.59 -7.94 22.58
C TYR A 19 -34.53 -8.70 21.78
N PHE A 20 -33.28 -8.46 22.16
CA PHE A 20 -32.13 -9.17 21.62
C PHE A 20 -31.44 -9.86 22.80
N ALA A 21 -31.26 -11.17 22.70
CA ALA A 21 -30.71 -11.95 23.80
C ALA A 21 -29.57 -12.83 23.29
N THR A 22 -28.61 -13.08 24.19
CA THR A 22 -27.49 -13.99 24.02
C THR A 22 -27.70 -15.20 24.93
N LEU A 23 -27.82 -16.39 24.34
CA LEU A 23 -28.26 -17.57 25.07
C LEU A 23 -27.33 -18.72 24.74
N ARG A 24 -26.89 -19.45 25.78
CA ARG A 24 -25.98 -20.57 25.54
C ARG A 24 -26.71 -21.75 24.94
N ASN A 25 -27.98 -21.93 25.29
CA ASN A 25 -28.75 -23.07 24.82
C ASN A 25 -30.04 -22.58 24.18
N ARG A 26 -30.61 -23.45 23.34
CA ARG A 26 -31.83 -23.17 22.59
C ARG A 26 -33.00 -22.90 23.54
N PRO A 27 -33.66 -21.74 23.47
CA PRO A 27 -34.81 -21.51 24.34
C PRO A 27 -36.09 -22.09 23.77
N LYS A 28 -37.09 -22.23 24.64
CA LYS A 28 -38.40 -22.73 24.26
C LYS A 28 -39.39 -21.57 24.23
N SER A 29 -40.04 -21.39 23.08
CA SER A 29 -41.07 -20.38 22.98
C SER A 29 -42.24 -20.79 23.88
N THR A 30 -42.90 -19.79 24.45
CA THR A 30 -43.98 -19.98 25.40
C THR A 30 -45.20 -19.19 24.94
N ILE A 31 -46.28 -19.28 25.71
CA ILE A 31 -47.43 -18.46 25.44
C ILE A 31 -47.11 -16.98 25.48
N ASN A 32 -46.05 -16.58 26.19
CA ASN A 32 -45.73 -15.17 26.37
C ASN A 32 -44.57 -14.66 25.51
N ILE A 33 -43.71 -15.53 25.00
CA ILE A 33 -42.44 -15.15 24.38
C ILE A 33 -42.23 -16.02 23.17
N HIS A 34 -41.99 -15.39 22.04
CA HIS A 34 -41.56 -16.08 20.82
C HIS A 34 -40.07 -15.83 20.66
N TYR A 35 -39.29 -16.92 20.57
CA TYR A 35 -37.85 -16.85 20.36
C TYR A 35 -37.51 -17.23 18.92
N PHE A 36 -36.57 -16.50 18.30
CA PHE A 36 -36.05 -16.95 17.02
C PHE A 36 -34.58 -16.55 16.89
N SER A 37 -33.83 -17.38 16.17
CA SER A 37 -32.43 -17.14 15.84
C SER A 37 -32.23 -17.29 14.34
N ILE A 38 -31.25 -16.54 13.82
CA ILE A 38 -30.84 -16.62 12.42
C ILE A 38 -29.43 -17.18 12.29
N ASP A 39 -28.81 -17.65 13.38
CA ASP A 39 -27.41 -18.00 13.34
C ASP A 39 -27.12 -19.07 12.33
N GLU A 40 -28.06 -19.97 12.08
CA GLU A 40 -27.85 -21.05 11.11
C GLU A 40 -28.56 -20.78 9.80
N GLU A 41 -29.28 -19.67 9.69
CA GLU A 41 -30.01 -19.34 8.48
C GLU A 41 -29.26 -18.35 7.61
N LEU A 42 -28.70 -17.30 8.21
CA LEU A 42 -27.97 -16.24 7.52
C LEU A 42 -26.50 -16.39 7.92
N VAL A 43 -25.71 -17.04 7.07
CA VAL A 43 -24.36 -17.48 7.42
C VAL A 43 -23.34 -16.77 6.52
N TYR A 44 -22.42 -16.04 7.15
CA TYR A 44 -21.36 -15.33 6.43
C TYR A 44 -20.46 -16.33 5.70
N GLU A 45 -20.19 -16.06 4.43
CA GLU A 45 -19.23 -16.85 3.64
C GLU A 45 -17.87 -16.17 3.70
N ASN A 46 -16.94 -16.77 4.43
CA ASN A 46 -15.68 -16.13 4.74
C ASN A 46 -14.64 -16.37 3.63
N PHE A 47 -13.67 -15.46 3.54
CA PHE A 47 -12.49 -15.64 2.70
C PHE A 47 -11.38 -16.35 3.49
N TYR A 48 -10.94 -15.71 4.57
CA TYR A 48 -10.00 -16.35 5.49
C TYR A 48 -10.58 -16.28 6.89
N ALA A 49 -10.13 -15.36 7.73
CA ALA A 49 -10.60 -15.29 9.11
C ALA A 49 -11.64 -14.18 9.33
N ASP A 50 -11.93 -13.37 8.32
CA ASP A 50 -13.11 -12.52 8.33
C ASP A 50 -14.36 -13.37 8.64
N PHE A 51 -15.32 -12.73 9.32
CA PHE A 51 -16.50 -13.41 9.82
C PHE A 51 -17.75 -12.56 9.72
N GLY A 52 -17.66 -11.40 9.11
CA GLY A 52 -18.75 -10.46 9.01
C GLY A 52 -18.24 -9.11 8.58
N PRO A 53 -19.13 -8.12 8.48
CA PRO A 53 -20.60 -8.15 8.70
C PRO A 53 -21.36 -8.88 7.62
N LEU A 54 -22.57 -9.35 7.93
CA LEU A 54 -23.43 -9.99 6.93
C LEU A 54 -23.74 -9.02 5.77
N ASN A 55 -23.89 -9.58 4.56
CA ASN A 55 -24.07 -8.76 3.37
C ASN A 55 -25.49 -8.22 3.29
N LEU A 56 -25.68 -7.29 2.35
CA LEU A 56 -26.92 -6.53 2.26
C LEU A 56 -28.13 -7.44 2.05
N ALA A 57 -27.98 -8.52 1.28
CA ALA A 57 -29.15 -9.37 1.04
C ALA A 57 -29.55 -10.10 2.31
N MET A 58 -28.57 -10.40 3.15
CA MET A 58 -28.85 -11.06 4.43
C MET A 58 -29.48 -10.09 5.42
N VAL A 59 -29.05 -8.83 5.44
CA VAL A 59 -29.73 -7.78 6.19
C VAL A 59 -31.19 -7.67 5.74
N TYR A 60 -31.40 -7.60 4.43
CA TYR A 60 -32.77 -7.57 3.90
C TYR A 60 -33.59 -8.78 4.35
N ARG A 61 -33.04 -9.99 4.23
CA ARG A 61 -33.79 -11.18 4.58
C ARG A 61 -34.14 -11.19 6.07
N TYR A 62 -33.22 -10.70 6.92
CA TYR A 62 -33.53 -10.55 8.34
C TYR A 62 -34.67 -9.56 8.56
N CYS A 63 -34.58 -8.39 7.96
CA CYS A 63 -35.59 -7.35 8.20
C CYS A 63 -36.98 -7.81 7.72
N CYS A 64 -37.01 -8.55 6.61
CA CYS A 64 -38.27 -9.11 6.13
C CYS A 64 -38.82 -10.13 7.13
N LYS A 65 -37.96 -11.02 7.64
CA LYS A 65 -38.37 -12.03 8.59
C LYS A 65 -38.96 -11.40 9.84
N LEU A 66 -38.30 -10.34 10.33
CA LEU A 66 -38.70 -9.70 11.58
C LEU A 66 -39.95 -8.86 11.41
N ASN A 67 -40.07 -8.17 10.28
CA ASN A 67 -41.27 -7.38 10.04
C ASN A 67 -42.50 -8.27 9.98
N LYS A 68 -42.38 -9.41 9.33
CA LYS A 68 -43.49 -10.34 9.26
C LYS A 68 -43.86 -10.85 10.65
N LYS A 69 -42.87 -11.13 11.50
CA LYS A 69 -43.18 -11.59 12.85
C LYS A 69 -43.92 -10.51 13.62
N LEU A 70 -43.49 -9.26 13.49
CA LEU A 70 -44.08 -8.16 14.22
C LEU A 70 -45.48 -7.79 13.72
N LYS A 71 -45.85 -8.22 12.52
CA LYS A 71 -47.17 -7.95 11.97
C LYS A 71 -48.06 -9.18 12.04
N SER A 72 -47.53 -10.30 12.51
CA SER A 72 -48.24 -11.56 12.58
C SER A 72 -49.33 -11.51 13.65
N TYR A 73 -50.48 -12.11 13.33
CA TYR A 73 -51.55 -12.17 14.33
C TYR A 73 -51.19 -13.14 15.45
N SER A 74 -50.65 -14.31 15.09
CA SER A 74 -50.32 -15.31 16.09
C SER A 74 -49.36 -14.79 17.14
N LEU A 75 -48.50 -13.82 16.80
CA LEU A 75 -47.46 -13.32 17.69
C LEU A 75 -47.78 -11.96 18.26
N SER A 76 -48.93 -11.38 17.88
CA SER A 76 -49.25 -9.99 18.21
C SER A 76 -49.30 -9.72 19.72
N ARG A 77 -49.54 -10.73 20.54
CA ARG A 77 -49.62 -10.56 21.98
C ARG A 77 -48.36 -11.03 22.71
N LYS A 78 -47.27 -11.24 21.98
CA LYS A 78 -46.08 -11.86 22.54
C LYS A 78 -44.90 -10.89 22.52
N LYS A 79 -43.99 -11.13 23.46
CA LYS A 79 -42.66 -10.57 23.34
C LYS A 79 -41.92 -11.36 22.29
N ILE A 80 -41.25 -10.66 21.38
CA ILE A 80 -40.48 -11.30 20.33
C ILE A 80 -39.01 -11.09 20.67
N VAL A 81 -38.27 -12.20 20.72
CA VAL A 81 -36.90 -12.22 21.22
C VAL A 81 -36.05 -12.84 20.13
N HIS A 82 -35.21 -12.02 19.51
CA HIS A 82 -34.13 -12.46 18.64
C HIS A 82 -32.97 -12.87 19.53
N TYR A 83 -32.64 -14.16 19.53
CA TYR A 83 -31.50 -14.60 20.32
C TYR A 83 -30.38 -15.06 19.39
N THR A 84 -29.17 -15.03 19.93
CA THR A 84 -27.97 -15.55 19.30
C THR A 84 -27.26 -16.36 20.37
N SER A 85 -26.19 -17.04 19.99
CA SER A 85 -25.48 -17.87 20.94
C SER A 85 -24.31 -17.13 21.54
N PHE A 86 -23.45 -17.86 22.26
CA PHE A 86 -22.21 -17.36 22.85
C PHE A 86 -21.03 -17.42 21.91
N ASP A 87 -21.23 -17.90 20.68
CA ASP A 87 -20.26 -17.68 19.63
C ASP A 87 -20.24 -16.18 19.30
N GLN A 88 -19.13 -15.52 19.64
CA GLN A 88 -19.08 -14.06 19.54
C GLN A 88 -19.09 -13.57 18.10
N ARG A 89 -18.79 -14.43 17.15
N ARG A 89 -18.71 -14.40 17.15
CA ARG A 89 -18.78 -14.00 15.75
CA ARG A 89 -18.79 -13.96 15.75
C ARG A 89 -20.16 -14.08 15.11
C ARG A 89 -20.23 -13.97 15.26
N LYS A 90 -20.95 -15.08 15.50
CA LYS A 90 -22.40 -15.09 15.30
C LYS A 90 -23.05 -13.91 16.04
N ARG A 91 -22.64 -13.66 17.29
CA ARG A 91 -23.34 -12.66 18.10
C ARG A 91 -23.13 -11.24 17.57
N ALA A 92 -21.93 -10.94 17.08
CA ALA A 92 -21.68 -9.63 16.47
C ALA A 92 -22.55 -9.43 15.22
N ASN A 93 -22.64 -10.46 14.38
CA ASN A 93 -23.48 -10.32 13.21
C ASN A 93 -24.95 -10.18 13.59
N ALA A 94 -25.40 -10.95 14.59
CA ALA A 94 -26.80 -10.87 15.03
C ALA A 94 -27.11 -9.50 15.63
N ALA A 95 -26.16 -8.97 16.40
CA ALA A 95 -26.29 -7.61 16.94
C ALA A 95 -26.35 -6.59 15.82
N PHE A 96 -25.48 -6.73 14.82
CA PHE A 96 -25.53 -5.87 13.64
C PHE A 96 -26.90 -5.92 12.96
N LEU A 97 -27.47 -7.12 12.82
CA LEU A 97 -28.76 -7.28 12.14
C LEU A 97 -29.86 -6.52 12.85
N ILE A 98 -29.98 -6.70 14.17
CA ILE A 98 -31.12 -6.08 14.86
C ILE A 98 -30.87 -4.57 15.05
N GLY A 99 -29.62 -4.15 15.21
CA GLY A 99 -29.30 -2.72 15.20
C GLY A 99 -29.65 -2.08 13.88
N ALA A 100 -29.44 -2.82 12.78
CA ALA A 100 -29.73 -2.27 11.46
C ALA A 100 -31.22 -2.19 11.21
N TYR A 101 -31.97 -3.21 11.64
CA TYR A 101 -33.41 -3.11 11.65
C TYR A 101 -33.85 -1.89 12.44
N ALA A 102 -33.24 -1.68 13.60
CA ALA A 102 -33.60 -0.55 14.43
C ALA A 102 -33.37 0.75 13.70
N VAL A 103 -32.31 0.82 12.90
CA VAL A 103 -32.02 2.05 12.20
C VAL A 103 -33.01 2.25 11.05
N ILE A 104 -33.28 1.20 10.28
CA ILE A 104 -34.05 1.32 9.06
C ILE A 104 -35.56 1.44 9.35
N TYR A 105 -36.09 0.59 10.24
CA TYR A 105 -37.53 0.47 10.46
C TYR A 105 -38.02 1.11 11.74
N LEU A 106 -37.20 1.16 12.78
CA LEU A 106 -37.60 1.80 14.03
C LEU A 106 -37.10 3.23 14.10
N LYS A 107 -36.44 3.72 13.05
CA LYS A 107 -36.03 5.12 12.98
C LYS A 107 -35.11 5.52 14.15
N LYS A 108 -34.30 4.59 14.66
CA LYS A 108 -33.31 4.94 15.68
C LYS A 108 -32.02 5.39 15.02
N THR A 109 -31.28 6.24 15.73
CA THR A 109 -29.97 6.59 15.22
C THR A 109 -29.03 5.43 15.48
N PRO A 110 -27.92 5.33 14.73
CA PRO A 110 -26.93 4.28 15.04
C PRO A 110 -26.52 4.28 16.50
N GLU A 111 -26.37 5.47 17.10
CA GLU A 111 -25.98 5.61 18.50
C GLU A 111 -27.04 5.07 19.45
N GLU A 112 -28.30 5.33 19.15
CA GLU A 112 -29.39 4.77 19.94
C GLU A 112 -29.43 3.26 19.83
N ALA A 113 -29.39 2.74 18.59
CA ALA A 113 -29.39 1.30 18.37
C ALA A 113 -28.25 0.66 19.13
N TYR A 114 -27.08 1.27 19.11
CA TYR A 114 -25.92 0.68 19.77
C TYR A 114 -26.06 0.79 21.27
N ARG A 115 -26.65 1.90 21.76
CA ARG A 115 -26.95 2.01 23.19
C ARG A 115 -27.86 0.88 23.64
N ALA A 116 -28.84 0.50 22.80
CA ALA A 116 -29.72 -0.61 23.14
C ALA A 116 -28.95 -1.91 23.22
N LEU A 117 -27.97 -2.10 22.32
CA LEU A 117 -27.16 -3.31 22.30
C LEU A 117 -26.27 -3.42 23.53
N LEU A 118 -25.94 -2.30 24.15
CA LEU A 118 -25.20 -2.30 25.41
C LEU A 118 -26.11 -2.27 26.64
N SER A 119 -27.43 -2.21 26.44
CA SER A 119 -28.36 -1.92 27.54
C SER A 119 -28.49 -3.05 28.53
N GLY A 120 -28.17 -4.27 28.15
CA GLY A 120 -28.19 -5.36 29.09
C GLY A 120 -26.92 -5.36 29.90
N SER A 121 -26.64 -6.52 30.47
CA SER A 121 -25.37 -6.79 31.13
C SER A 121 -24.68 -7.83 30.24
N ASN A 122 -23.91 -7.37 29.27
CA ASN A 122 -23.31 -8.32 28.35
C ASN A 122 -21.87 -7.92 28.04
N PRO A 123 -21.05 -8.89 27.65
CA PRO A 123 -19.70 -8.57 27.19
C PRO A 123 -19.73 -7.69 25.95
N PRO A 124 -18.61 -7.07 25.62
CA PRO A 124 -18.54 -6.28 24.40
C PRO A 124 -18.74 -7.16 23.19
N TYR A 125 -19.08 -6.53 22.09
CA TYR A 125 -19.18 -7.20 20.81
C TYR A 125 -17.80 -7.20 20.17
N LEU A 126 -17.47 -8.34 19.54
CA LEU A 126 -16.20 -8.47 18.86
C LEU A 126 -16.18 -7.62 17.58
N PRO A 127 -15.08 -6.88 17.34
CA PRO A 127 -14.95 -6.11 16.09
C PRO A 127 -14.75 -7.01 14.89
N PHE A 128 -15.30 -6.56 13.76
CA PHE A 128 -15.03 -7.30 12.52
C PHE A 128 -13.63 -7.00 12.02
N ARG A 129 -13.10 -7.90 11.19
CA ARG A 129 -11.76 -7.83 10.65
C ARG A 129 -11.77 -8.09 9.16
N ASP A 130 -10.61 -7.85 8.55
CA ASP A 130 -10.49 -7.96 7.10
C ASP A 130 -10.16 -9.39 6.70
N ALA A 131 -9.98 -9.59 5.39
CA ALA A 131 -9.77 -10.91 4.80
C ALA A 131 -8.27 -11.29 4.69
N SER A 132 -7.38 -10.63 5.42
CA SER A 132 -5.95 -10.87 5.26
C SER A 132 -5.51 -12.05 6.13
N PHE A 133 -4.30 -12.56 5.87
CA PHE A 133 -3.79 -13.76 6.51
C PHE A 133 -3.08 -13.44 7.80
N GLY A 134 -2.95 -12.16 8.12
CA GLY A 134 -2.23 -11.78 9.30
C GLY A 134 -3.18 -11.23 10.34
N ASN A 135 -2.63 -10.37 11.18
CA ASN A 135 -3.44 -9.57 12.07
C ASN A 135 -4.16 -8.48 11.28
N CYS A 136 -5.23 -7.98 11.91
CA CYS A 136 -5.98 -6.83 11.43
C CYS A 136 -6.07 -5.86 12.59
N THR A 137 -5.47 -4.68 12.43
CA THR A 137 -5.52 -3.63 13.45
C THR A 137 -6.49 -2.52 13.09
N TYR A 138 -7.20 -2.66 11.97
CA TYR A 138 -8.33 -1.81 11.66
C TYR A 138 -9.57 -2.55 12.16
N ASN A 139 -10.06 -2.15 13.33
CA ASN A 139 -11.18 -2.84 13.96
C ASN A 139 -12.46 -2.14 13.55
N LEU A 140 -13.26 -2.85 12.76
CA LEU A 140 -14.54 -2.35 12.27
C LEU A 140 -15.62 -2.82 13.22
N THR A 141 -16.16 -1.90 13.98
CA THR A 141 -17.10 -2.29 15.04
C THR A 141 -18.53 -2.43 14.52
N VAL A 142 -19.38 -2.99 15.37
CA VAL A 142 -20.82 -3.02 15.08
C VAL A 142 -21.35 -1.59 14.89
N LEU A 143 -20.92 -0.66 15.75
CA LEU A 143 -21.38 0.73 15.59
C LEU A 143 -20.99 1.28 14.25
N ASP A 144 -19.74 1.07 13.83
CA ASP A 144 -19.30 1.49 12.49
C ASP A 144 -20.24 0.96 11.42
N CYS A 145 -20.62 -0.31 11.55
CA CYS A 145 -21.48 -0.92 10.55
C CYS A 145 -22.87 -0.30 10.55
N LEU A 146 -23.40 0.05 11.74
CA LEU A 146 -24.69 0.74 11.82
C LEU A 146 -24.61 2.15 11.25
N GLN A 147 -23.47 2.81 11.41
CA GLN A 147 -23.26 4.12 10.81
C GLN A 147 -23.13 4.01 9.30
N GLY A 148 -22.50 2.95 8.82
CA GLY A 148 -22.46 2.75 7.38
C GLY A 148 -23.84 2.51 6.80
N ILE A 149 -24.66 1.73 7.51
CA ILE A 149 -26.04 1.52 7.09
C ILE A 149 -26.79 2.86 7.01
N ARG A 150 -26.63 3.70 8.05
CA ARG A 150 -27.39 4.94 8.07
C ARG A 150 -26.99 5.80 6.89
N LYS A 151 -25.68 5.89 6.61
CA LYS A 151 -25.17 6.68 5.50
C LYS A 151 -25.65 6.18 4.16
N GLY A 152 -25.60 4.85 3.94
CA GLY A 152 -26.14 4.31 2.71
C GLY A 152 -27.61 4.66 2.52
N LEU A 153 -28.41 4.52 3.58
CA LEU A 153 -29.82 4.91 3.56
C LEU A 153 -29.97 6.39 3.26
N GLN A 154 -29.16 7.22 3.92
CA GLN A 154 -29.21 8.66 3.77
C GLN A 154 -29.01 9.10 2.33
N HIS A 155 -28.13 8.41 1.61
CA HIS A 155 -27.81 8.81 0.26
C HIS A 155 -28.47 7.94 -0.78
N GLY A 156 -29.47 7.14 -0.37
CA GLY A 156 -30.23 6.34 -1.30
C GLY A 156 -29.45 5.23 -1.95
N PHE A 157 -28.42 4.70 -1.27
CA PHE A 157 -27.67 3.58 -1.84
C PHE A 157 -28.42 2.27 -1.76
N PHE A 158 -29.49 2.20 -0.98
CA PHE A 158 -30.38 1.04 -1.01
C PHE A 158 -31.75 1.51 -0.53
N ASP A 159 -32.74 0.69 -0.86
CA ASP A 159 -34.14 0.97 -0.57
C ASP A 159 -34.82 -0.39 -0.47
N PHE A 160 -35.20 -0.79 0.74
CA PHE A 160 -35.67 -2.15 0.87
C PHE A 160 -37.08 -2.35 0.33
N GLU A 161 -37.80 -1.26 -0.02
CA GLU A 161 -39.06 -1.39 -0.74
C GLU A 161 -38.87 -1.90 -2.16
N THR A 162 -37.69 -1.67 -2.75
CA THR A 162 -37.41 -2.11 -4.10
C THR A 162 -36.27 -3.11 -4.23
N PHE A 163 -35.51 -3.34 -3.15
CA PHE A 163 -34.36 -4.20 -3.21
C PHE A 163 -34.75 -5.57 -3.73
N ASP A 164 -33.92 -6.12 -4.62
CA ASP A 164 -34.18 -7.39 -5.27
C ASP A 164 -33.12 -8.39 -4.86
N ALA A 165 -33.43 -9.17 -3.82
CA ALA A 165 -32.44 -10.08 -3.24
C ALA A 165 -32.13 -11.23 -4.16
N GLU A 166 -33.10 -11.68 -4.97
CA GLU A 166 -32.80 -12.76 -5.92
C GLU A 166 -31.73 -12.32 -6.90
N GLU A 167 -31.81 -11.07 -7.39
CA GLU A 167 -30.80 -10.53 -8.31
C GLU A 167 -29.45 -10.38 -7.60
N TYR A 168 -29.44 -9.72 -6.44
CA TYR A 168 -28.22 -9.63 -5.63
C TYR A 168 -27.55 -11.00 -5.51
N GLU A 169 -28.32 -12.01 -5.06
CA GLU A 169 -27.80 -13.35 -4.80
C GLU A 169 -27.46 -14.09 -6.06
N HIS A 170 -28.05 -13.68 -7.19
CA HIS A 170 -27.69 -14.27 -8.48
C HIS A 170 -26.31 -13.80 -8.90
N TYR A 171 -26.14 -12.50 -9.03
CA TYR A 171 -24.92 -11.95 -9.64
C TYR A 171 -23.70 -11.96 -8.71
N GLU A 172 -23.87 -12.11 -7.39
CA GLU A 172 -22.70 -12.30 -6.52
C GLU A 172 -21.96 -13.59 -6.83
N ARG A 173 -22.61 -14.54 -7.47
CA ARG A 173 -22.02 -15.86 -7.64
C ARG A 173 -21.02 -15.83 -8.77
N VAL A 174 -19.90 -16.53 -8.58
CA VAL A 174 -18.89 -16.58 -9.62
C VAL A 174 -19.45 -17.16 -10.91
N GLU A 175 -20.43 -18.07 -10.81
CA GLU A 175 -21.00 -18.65 -12.02
C GLU A 175 -21.83 -17.66 -12.80
N ASN A 176 -22.27 -16.57 -12.16
CA ASN A 176 -23.06 -15.56 -12.84
C ASN A 176 -22.34 -14.23 -13.05
N GLY A 177 -21.04 -14.16 -12.82
CA GLY A 177 -20.26 -12.98 -13.11
C GLY A 177 -19.60 -12.30 -11.91
N ASP A 178 -19.97 -12.65 -10.68
CA ASP A 178 -19.36 -12.11 -9.46
C ASP A 178 -19.25 -10.58 -9.48
N PHE A 179 -20.41 -9.95 -9.36
CA PHE A 179 -20.45 -8.51 -9.20
C PHE A 179 -21.51 -8.12 -8.19
N ASN A 180 -21.34 -6.90 -7.69
CA ASN A 180 -22.27 -6.26 -6.75
C ASN A 180 -22.29 -4.78 -7.07
N TRP A 181 -23.47 -4.21 -7.03
CA TRP A 181 -23.58 -2.77 -7.00
C TRP A 181 -23.11 -2.23 -5.66
N ILE A 182 -22.36 -1.13 -5.71
CA ILE A 182 -21.91 -0.41 -4.53
C ILE A 182 -22.65 0.92 -4.40
N VAL A 183 -22.82 1.63 -5.50
CA VAL A 183 -23.59 2.87 -5.52
C VAL A 183 -24.56 2.70 -6.69
N PRO A 184 -25.86 2.60 -6.45
CA PRO A 184 -26.77 2.33 -7.58
C PRO A 184 -26.64 3.43 -8.63
N GLY A 185 -26.62 3.00 -9.88
CA GLY A 185 -26.47 3.95 -10.96
C GLY A 185 -25.07 4.48 -11.15
N LYS A 186 -24.12 4.11 -10.29
CA LYS A 186 -22.80 4.73 -10.39
C LYS A 186 -21.65 3.74 -10.32
N PHE A 187 -21.70 2.75 -9.42
CA PHE A 187 -20.57 1.87 -9.25
C PHE A 187 -20.96 0.43 -9.10
N LEU A 188 -20.37 -0.41 -9.94
CA LEU A 188 -20.49 -1.85 -9.88
C LEU A 188 -19.08 -2.41 -9.76
N ALA A 189 -18.87 -3.33 -8.82
CA ALA A 189 -17.57 -3.92 -8.57
C ALA A 189 -17.61 -5.39 -8.94
N PHE A 190 -16.55 -5.85 -9.64
CA PHE A 190 -16.54 -7.23 -10.13
C PHE A 190 -15.12 -7.73 -10.28
N SER A 191 -15.01 -9.07 -10.32
CA SER A 191 -13.74 -9.73 -10.56
C SER A 191 -13.36 -9.69 -12.05
N GLY A 192 -12.06 -9.64 -12.30
CA GLY A 192 -11.57 -9.34 -13.62
C GLY A 192 -11.92 -10.39 -14.66
N PRO A 193 -12.43 -9.95 -15.83
CA PRO A 193 -12.72 -10.91 -16.89
C PRO A 193 -11.46 -11.62 -17.37
N HIS A 194 -11.68 -12.78 -17.97
CA HIS A 194 -10.67 -13.62 -18.59
C HIS A 194 -10.77 -13.58 -20.12
N PRO A 195 -9.74 -14.07 -20.83
CA PRO A 195 -9.78 -13.97 -22.30
C PRO A 195 -10.87 -14.82 -22.94
N LYS A 196 -11.19 -16.00 -22.39
CA LYS A 196 -12.26 -16.83 -22.94
C LYS A 196 -13.22 -17.24 -21.83
N SER A 197 -14.53 -17.04 -22.05
CA SER A 197 -15.52 -17.68 -21.20
C SER A 197 -15.37 -19.20 -21.30
N LYS A 198 -15.21 -19.85 -20.15
CA LYS A 198 -14.99 -21.29 -20.11
C LYS A 198 -15.08 -21.76 -18.67
N ILE A 199 -14.72 -23.03 -18.43
CA ILE A 199 -14.63 -23.61 -17.10
C ILE A 199 -13.28 -24.31 -17.01
N GLU A 200 -12.47 -23.91 -16.03
CA GLU A 200 -11.09 -24.38 -15.90
C GLU A 200 -10.88 -24.91 -14.50
N ASN A 201 -10.80 -26.23 -14.36
CA ASN A 201 -10.71 -26.89 -13.05
C ASN A 201 -11.99 -26.67 -12.25
N GLY A 202 -13.12 -26.71 -12.95
CA GLY A 202 -14.40 -26.47 -12.32
C GLY A 202 -14.66 -25.04 -11.92
N TYR A 203 -13.78 -24.11 -12.29
CA TYR A 203 -13.97 -22.71 -11.97
C TYR A 203 -14.54 -22.00 -13.20
N PRO A 204 -15.68 -21.31 -13.07
CA PRO A 204 -16.23 -20.61 -14.25
C PRO A 204 -15.51 -19.29 -14.47
N LEU A 205 -15.15 -19.05 -15.74
CA LEU A 205 -14.46 -17.86 -16.18
C LEU A 205 -15.34 -17.12 -17.18
N HIS A 206 -15.41 -15.81 -17.02
CA HIS A 206 -16.25 -14.97 -17.87
C HIS A 206 -15.37 -14.03 -18.67
N ALA A 207 -15.69 -13.93 -19.96
CA ALA A 207 -15.02 -13.04 -20.87
C ALA A 207 -15.77 -11.73 -20.89
N PRO A 208 -15.09 -10.66 -21.28
CA PRO A 208 -15.75 -9.34 -21.26
C PRO A 208 -17.12 -9.37 -21.87
N GLU A 209 -17.31 -10.14 -22.95
CA GLU A 209 -18.54 -10.03 -23.73
C GLU A 209 -19.74 -10.51 -22.92
N ALA A 210 -19.52 -11.51 -22.06
CA ALA A 210 -20.56 -12.01 -21.17
C ALA A 210 -21.25 -10.88 -20.39
N TYR A 211 -20.54 -9.79 -20.11
CA TYR A 211 -21.12 -8.71 -19.32
C TYR A 211 -21.87 -7.68 -20.15
N PHE A 212 -21.67 -7.66 -21.47
CA PHE A 212 -22.23 -6.56 -22.28
C PHE A 212 -23.73 -6.35 -22.08
N PRO A 213 -24.57 -7.39 -22.10
CA PRO A 213 -26.02 -7.15 -21.96
C PRO A 213 -26.39 -6.48 -20.66
N TYR A 214 -25.93 -7.03 -19.54
CA TYR A 214 -26.22 -6.39 -18.26
C TYR A 214 -25.69 -4.96 -18.23
N PHE A 215 -24.43 -4.74 -18.68
CA PHE A 215 -23.85 -3.41 -18.60
C PHE A 215 -24.63 -2.41 -19.45
N LYS A 216 -24.89 -2.75 -20.71
CA LYS A 216 -25.62 -1.86 -21.60
C LYS A 216 -26.98 -1.51 -21.01
N LYS A 217 -27.71 -2.53 -20.54
CA LYS A 217 -29.03 -2.35 -19.96
C LYS A 217 -29.02 -1.46 -18.71
N ASN A 218 -27.92 -1.46 -17.95
CA ASN A 218 -27.84 -0.71 -16.72
C ASN A 218 -26.89 0.47 -16.81
N ASN A 219 -26.64 0.95 -18.03
CA ASN A 219 -25.98 2.23 -18.28
C ASN A 219 -24.55 2.25 -17.71
N VAL A 220 -23.86 1.12 -17.84
CA VAL A 220 -22.43 1.09 -17.58
C VAL A 220 -21.71 1.61 -18.82
N THR A 221 -21.15 2.80 -18.73
CA THR A 221 -20.41 3.43 -19.83
C THR A 221 -18.92 3.12 -19.80
N THR A 222 -18.36 2.76 -18.65
CA THR A 222 -16.92 2.78 -18.43
C THR A 222 -16.45 1.55 -17.64
N ILE A 223 -15.37 0.93 -18.09
CA ILE A 223 -14.67 -0.14 -17.36
C ILE A 223 -13.34 0.44 -16.87
N VAL A 224 -13.01 0.21 -15.60
CA VAL A 224 -11.72 0.58 -15.02
C VAL A 224 -11.06 -0.70 -14.54
N ARG A 225 -9.89 -1.01 -15.09
CA ARG A 225 -9.11 -2.19 -14.70
C ARG A 225 -7.96 -1.77 -13.80
N LEU A 226 -7.76 -2.48 -12.69
CA LEU A 226 -6.79 -2.08 -11.67
C LEU A 226 -5.68 -3.13 -11.49
N ASN A 227 -5.74 -4.23 -12.22
CA ASN A 227 -4.85 -5.36 -12.05
C ASN A 227 -4.19 -5.69 -13.39
N LYS A 228 -3.39 -6.77 -13.40
CA LYS A 228 -2.63 -7.13 -14.58
C LYS A 228 -3.56 -7.47 -15.74
N LYS A 229 -3.10 -7.12 -16.95
CA LYS A 229 -3.84 -7.34 -18.18
C LYS A 229 -3.79 -8.81 -18.57
N ILE A 230 -4.95 -9.43 -18.73
CA ILE A 230 -5.07 -10.76 -19.31
C ILE A 230 -6.13 -10.81 -20.40
N TYR A 231 -6.76 -9.67 -20.72
CA TYR A 231 -7.64 -9.53 -21.86
C TYR A 231 -7.34 -8.18 -22.51
N GLU A 232 -7.61 -8.09 -23.81
CA GLU A 232 -7.40 -6.86 -24.54
C GLU A 232 -8.49 -5.86 -24.19
N ALA A 233 -8.09 -4.64 -23.83
CA ALA A 233 -9.09 -3.61 -23.54
C ALA A 233 -10.00 -3.37 -24.75
N LYS A 234 -9.49 -3.61 -25.96
CA LYS A 234 -10.24 -3.40 -27.19
C LYS A 234 -11.61 -4.09 -27.15
N ARG A 235 -11.69 -5.27 -26.52
CA ARG A 235 -12.94 -6.02 -26.48
C ARG A 235 -14.08 -5.23 -25.86
N PHE A 236 -13.77 -4.34 -24.92
CA PHE A 236 -14.78 -3.46 -24.37
C PHE A 236 -14.99 -2.25 -25.26
N THR A 237 -13.90 -1.60 -25.69
CA THR A 237 -14.04 -0.34 -26.40
C THR A 237 -14.70 -0.53 -27.75
N ASP A 238 -14.40 -1.65 -28.41
CA ASP A 238 -15.14 -2.06 -29.62
C ASP A 238 -16.65 -2.04 -29.35
N ALA A 239 -17.08 -2.63 -28.24
CA ALA A 239 -18.49 -2.78 -27.94
C ALA A 239 -19.14 -1.49 -27.49
N GLY A 240 -18.41 -0.38 -27.51
CA GLY A 240 -18.98 0.90 -27.12
C GLY A 240 -18.58 1.39 -25.74
N PHE A 241 -17.82 0.60 -24.98
CA PHE A 241 -17.48 1.00 -23.63
C PHE A 241 -16.18 1.80 -23.62
N GLU A 242 -16.15 2.88 -22.85
CA GLU A 242 -14.88 3.43 -22.42
C GLU A 242 -14.13 2.42 -21.53
N HIS A 243 -12.81 2.43 -21.61
CA HIS A 243 -11.99 1.52 -20.81
C HIS A 243 -10.72 2.22 -20.36
N TYR A 244 -10.32 1.99 -19.12
CA TYR A 244 -9.15 2.63 -18.53
C TYR A 244 -8.39 1.67 -17.64
N ASP A 245 -7.08 1.84 -17.66
CA ASP A 245 -6.15 1.01 -16.91
C ASP A 245 -5.50 1.90 -15.86
N LEU A 246 -5.60 1.49 -14.58
CA LEU A 246 -4.97 2.19 -13.49
C LEU A 246 -4.35 1.13 -12.56
N PHE A 247 -3.34 0.45 -13.09
CA PHE A 247 -2.76 -0.68 -12.39
C PHE A 247 -2.06 -0.27 -11.09
N PHE A 248 -2.36 -1.02 -10.03
CA PHE A 248 -1.49 -1.02 -8.88
C PHE A 248 -1.50 -2.41 -8.27
N ILE A 249 -0.48 -2.66 -7.45
CA ILE A 249 -0.15 -4.03 -7.09
C ILE A 249 -1.18 -4.54 -6.07
N ASP A 250 -1.54 -5.78 -6.24
CA ASP A 250 -2.40 -6.50 -5.30
C ASP A 250 -1.99 -6.22 -3.86
N GLY A 251 -2.97 -5.81 -3.04
CA GLY A 251 -2.69 -5.64 -1.63
C GLY A 251 -1.97 -4.35 -1.28
N SER A 252 -1.78 -3.44 -2.24
CA SER A 252 -1.07 -2.19 -1.98
C SER A 252 -2.07 -1.05 -2.03
N THR A 253 -1.56 0.13 -1.78
CA THR A 253 -2.37 1.34 -1.79
C THR A 253 -2.02 2.17 -3.03
N PRO A 254 -3.00 2.85 -3.59
CA PRO A 254 -2.77 3.55 -4.86
C PRO A 254 -2.07 4.91 -4.68
N SER A 255 -1.22 5.24 -5.64
CA SER A 255 -0.54 6.52 -5.66
C SER A 255 -1.55 7.66 -5.77
N ASP A 256 -1.13 8.86 -5.35
CA ASP A 256 -1.94 10.06 -5.52
C ASP A 256 -2.36 10.21 -6.98
N ASN A 257 -1.44 9.89 -7.89
CA ASN A 257 -1.73 10.00 -9.31
C ASN A 257 -2.88 9.07 -9.71
N ILE A 258 -2.84 7.82 -9.26
CA ILE A 258 -3.93 6.90 -9.56
C ILE A 258 -5.24 7.39 -8.96
N VAL A 259 -5.21 7.89 -7.73
CA VAL A 259 -6.45 8.36 -7.12
C VAL A 259 -7.03 9.54 -7.91
N ARG A 260 -6.18 10.53 -8.21
CA ARG A 260 -6.55 11.68 -9.04
C ARG A 260 -7.19 11.23 -10.33
N ARG A 261 -6.52 10.32 -11.04
CA ARG A 261 -6.99 9.88 -12.33
C ARG A 261 -8.32 9.16 -12.21
N PHE A 262 -8.46 8.32 -11.18
CA PHE A 262 -9.71 7.59 -10.99
C PHE A 262 -10.86 8.56 -10.76
N LEU A 263 -10.64 9.55 -9.92
CA LEU A 263 -11.71 10.50 -9.61
C LEU A 263 -12.11 11.30 -10.85
N ASN A 264 -11.15 11.65 -11.70
CA ASN A 264 -11.46 12.38 -12.93
C ASN A 264 -12.24 11.51 -13.91
N ILE A 265 -11.83 10.26 -14.08
CA ILE A 265 -12.58 9.35 -14.94
C ILE A 265 -14.03 9.26 -14.49
N CYS A 266 -14.25 9.12 -13.18
CA CYS A 266 -15.60 8.87 -12.68
C CYS A 266 -16.43 10.15 -12.63
N GLU A 267 -15.78 11.28 -12.41
CA GLU A 267 -16.50 12.55 -12.36
C GLU A 267 -16.90 13.03 -13.76
N ASN A 268 -16.27 12.47 -14.79
CA ASN A 268 -16.50 12.92 -16.16
C ASN A 268 -17.35 11.95 -16.95
N THR A 269 -18.01 11.01 -16.28
CA THR A 269 -19.09 10.29 -16.90
C THR A 269 -20.34 10.46 -16.05
N GLU A 270 -21.46 10.41 -16.75
CA GLU A 270 -22.76 10.52 -16.12
C GLU A 270 -23.35 9.14 -15.90
N GLY A 271 -22.80 8.15 -16.59
CA GLY A 271 -23.20 6.77 -16.39
C GLY A 271 -22.51 6.10 -15.21
N ALA A 272 -22.67 4.77 -15.18
CA ALA A 272 -22.08 3.88 -14.20
C ALA A 272 -20.73 3.35 -14.68
N ILE A 273 -19.87 3.06 -13.68
CA ILE A 273 -18.51 2.60 -13.91
C ILE A 273 -18.40 1.20 -13.30
N ALA A 274 -17.97 0.25 -14.11
CA ALA A 274 -17.73 -1.11 -13.65
C ALA A 274 -16.24 -1.17 -13.37
N VAL A 275 -15.89 -1.35 -12.10
CA VAL A 275 -14.51 -1.35 -11.64
C VAL A 275 -14.14 -2.78 -11.32
N HIS A 276 -12.99 -3.24 -11.80
CA HIS A 276 -12.51 -4.56 -11.44
C HIS A 276 -11.02 -4.56 -11.16
N SER A 277 -10.62 -5.60 -10.41
CA SER A 277 -9.22 -5.95 -10.16
C SER A 277 -9.18 -7.48 -10.34
N LYS A 278 -8.33 -8.19 -9.61
CA LYS A 278 -8.36 -9.64 -9.78
C LYS A 278 -9.58 -10.24 -9.09
N ALA A 279 -9.77 -9.95 -7.80
CA ALA A 279 -10.95 -10.38 -7.07
C ALA A 279 -12.05 -9.34 -7.04
N GLY A 280 -11.73 -8.09 -7.40
CA GLY A 280 -12.66 -7.00 -7.28
C GLY A 280 -12.95 -6.62 -5.85
N LEU A 281 -11.98 -6.84 -4.96
CA LEU A 281 -12.17 -6.66 -3.52
C LEU A 281 -11.28 -5.55 -2.94
N GLY A 282 -9.96 -5.78 -2.80
CA GLY A 282 -9.08 -4.81 -2.20
C GLY A 282 -8.95 -3.53 -3.02
N ARG A 283 -8.35 -3.65 -4.19
CA ARG A 283 -8.03 -2.47 -5.00
C ARG A 283 -9.31 -1.77 -5.45
N THR A 284 -10.29 -2.55 -5.94
CA THR A 284 -11.58 -2.01 -6.39
C THR A 284 -12.30 -1.26 -5.27
N GLY A 285 -12.46 -1.90 -4.10
CA GLY A 285 -13.11 -1.25 -2.99
C GLY A 285 -12.41 0.02 -2.54
N THR A 286 -11.07 0.04 -2.62
CA THR A 286 -10.32 1.17 -2.11
C THR A 286 -10.56 2.40 -2.97
N LEU A 287 -10.58 2.22 -4.28
CA LEU A 287 -10.76 3.41 -5.11
C LEU A 287 -12.20 3.91 -5.06
N ILE A 288 -13.18 3.00 -5.08
CA ILE A 288 -14.59 3.41 -4.96
C ILE A 288 -14.79 4.16 -3.67
N ALA A 289 -14.16 3.66 -2.59
CA ALA A 289 -14.22 4.34 -1.31
C ALA A 289 -13.73 5.77 -1.42
N CYS A 290 -12.63 6.01 -2.14
CA CYS A 290 -12.11 7.37 -2.27
C CYS A 290 -13.16 8.29 -2.89
N TYR A 291 -13.82 7.83 -3.95
CA TYR A 291 -14.82 8.63 -4.64
C TYR A 291 -15.98 8.93 -3.70
N VAL A 292 -16.45 7.90 -2.98
CA VAL A 292 -17.63 8.10 -2.12
C VAL A 292 -17.29 8.98 -0.94
N MET A 293 -16.07 8.85 -0.38
CA MET A 293 -15.70 9.78 0.69
C MET A 293 -15.69 11.23 0.17
N LYS A 294 -15.14 11.45 -1.02
CA LYS A 294 -15.07 12.81 -1.56
C LYS A 294 -16.47 13.38 -1.82
N HIS A 295 -17.32 12.62 -2.51
CA HIS A 295 -18.58 13.13 -3.05
C HIS A 295 -19.77 12.97 -2.11
N TYR A 296 -19.74 12.07 -1.14
CA TYR A 296 -20.83 11.92 -0.20
C TYR A 296 -20.42 12.17 1.24
N ARG A 297 -19.13 12.40 1.49
CA ARG A 297 -18.65 12.68 2.84
C ARG A 297 -18.90 11.55 3.84
N PHE A 298 -18.78 10.30 3.38
CA PHE A 298 -18.66 9.20 4.34
C PHE A 298 -17.34 9.33 5.08
N THR A 299 -17.31 8.91 6.35
CA THR A 299 -16.04 8.65 7.01
C THR A 299 -15.41 7.36 6.48
N HIS A 300 -14.13 7.15 6.82
CA HIS A 300 -13.47 5.90 6.45
C HIS A 300 -14.20 4.69 7.02
N ALA A 301 -14.65 4.75 8.27
CA ALA A 301 -15.34 3.60 8.84
C ALA A 301 -16.69 3.36 8.16
N GLU A 302 -17.41 4.43 7.85
CA GLU A 302 -18.72 4.28 7.21
C GLU A 302 -18.60 3.63 5.85
N ILE A 303 -17.56 4.01 5.07
CA ILE A 303 -17.52 3.49 3.71
C ILE A 303 -16.87 2.10 3.68
N ILE A 304 -15.95 1.80 4.57
CA ILE A 304 -15.45 0.42 4.63
C ILE A 304 -16.58 -0.51 5.02
N ALA A 305 -17.40 -0.12 6.00
CA ALA A 305 -18.62 -0.87 6.34
C ALA A 305 -19.56 -1.00 5.15
N TRP A 306 -19.92 0.11 4.51
CA TRP A 306 -20.92 0.07 3.45
C TRP A 306 -20.45 -0.83 2.31
N ILE A 307 -19.18 -0.70 1.91
CA ILE A 307 -18.72 -1.46 0.75
C ILE A 307 -18.60 -2.95 1.08
N ARG A 308 -18.19 -3.31 2.31
CA ARG A 308 -18.18 -4.72 2.69
C ARG A 308 -19.58 -5.33 2.84
N ILE A 309 -20.56 -4.54 3.29
CA ILE A 309 -21.93 -5.00 3.33
C ILE A 309 -22.43 -5.31 1.92
N CYS A 310 -22.03 -4.50 0.93
CA CYS A 310 -22.39 -4.76 -0.47
C CYS A 310 -21.57 -5.90 -1.07
N ARG A 311 -20.28 -5.97 -0.73
CA ARG A 311 -19.34 -6.90 -1.38
C ARG A 311 -18.33 -7.36 -0.32
N PRO A 312 -18.67 -8.42 0.44
CA PRO A 312 -17.77 -8.87 1.51
C PRO A 312 -16.34 -9.09 1.03
N GLY A 313 -15.39 -8.91 1.96
CA GLY A 313 -13.97 -9.06 1.69
C GLY A 313 -13.33 -7.82 1.11
N SER A 314 -14.11 -6.82 0.73
CA SER A 314 -13.56 -5.59 0.13
C SER A 314 -12.66 -4.81 1.11
N ILE A 315 -11.51 -4.31 0.60
CA ILE A 315 -10.61 -3.35 1.24
C ILE A 315 -9.80 -4.11 2.27
N ILE A 316 -8.50 -4.34 1.98
CA ILE A 316 -7.70 -5.28 2.76
C ILE A 316 -6.43 -4.63 3.27
N GLY A 317 -5.99 -5.10 4.43
CA GLY A 317 -4.72 -4.70 4.99
C GLY A 317 -4.45 -3.21 4.99
N PRO A 318 -3.35 -2.77 4.35
CA PRO A 318 -2.96 -1.35 4.41
C PRO A 318 -3.96 -0.44 3.73
N GLN A 319 -4.84 -0.98 2.90
CA GLN A 319 -5.84 -0.17 2.25
C GLN A 319 -6.78 0.44 3.28
N GLN A 320 -7.00 -0.24 4.41
CA GLN A 320 -7.94 0.30 5.39
C GLN A 320 -7.36 1.56 6.03
N HIS A 321 -6.10 1.50 6.50
CA HIS A 321 -5.50 2.66 7.15
C HIS A 321 -5.24 3.76 6.14
N PHE A 322 -5.02 3.39 4.87
CA PHE A 322 -4.93 4.38 3.80
C PHE A 322 -6.18 5.26 3.73
N LEU A 323 -7.37 4.65 3.79
CA LEU A 323 -8.60 5.44 3.65
C LEU A 323 -8.76 6.38 4.82
N LYS A 324 -8.43 5.90 6.01
CA LYS A 324 -8.43 6.76 7.18
C LYS A 324 -7.47 7.94 7.00
N GLU A 325 -6.29 7.69 6.43
CA GLU A 325 -5.27 8.73 6.27
C GLU A 325 -5.69 9.79 5.24
N LYS A 326 -6.41 9.37 4.19
CA LYS A 326 -6.82 10.22 3.09
C LYS A 326 -8.17 10.90 3.29
N GLN A 327 -8.91 10.55 4.34
CA GLN A 327 -10.25 11.08 4.54
C GLN A 327 -10.25 12.60 4.49
N ALA A 328 -9.41 13.24 5.31
CA ALA A 328 -9.53 14.69 5.46
C ALA A 328 -9.31 15.39 4.13
N SER A 329 -8.31 14.97 3.37
CA SER A 329 -8.06 15.62 2.10
C SER A 329 -9.14 15.30 1.08
N LEU A 330 -9.70 14.10 1.12
CA LEU A 330 -10.79 13.79 0.19
C LEU A 330 -12.02 14.62 0.50
N TRP A 331 -12.26 14.86 1.80
CA TRP A 331 -13.39 15.70 2.19
C TRP A 331 -13.19 17.13 1.69
N VAL A 332 -11.99 17.67 1.84
CA VAL A 332 -11.66 19.00 1.33
C VAL A 332 -11.85 19.06 -0.17
N GLN A 333 -11.25 18.10 -0.90
CA GLN A 333 -11.39 18.06 -2.35
C GLN A 333 -12.85 18.02 -2.77
N GLY A 334 -13.71 17.41 -1.96
CA GLY A 334 -15.13 17.36 -2.25
C GLY A 334 -15.85 18.66 -1.99
N ASP A 335 -15.43 19.37 -0.94
CA ASP A 335 -15.99 20.68 -0.65
C ASP A 335 -15.64 21.67 -1.76
N ILE A 336 -14.38 21.66 -2.18
CA ILE A 336 -13.96 22.44 -3.33
C ILE A 336 -14.76 22.04 -4.57
N PHE A 337 -14.85 20.75 -4.85
CA PHE A 337 -15.55 20.32 -6.06
C PHE A 337 -16.98 20.84 -6.08
N ARG A 338 -17.66 20.80 -4.94
CA ARG A 338 -19.07 21.17 -4.90
C ARG A 338 -19.27 22.68 -4.87
N SER A 339 -18.29 23.44 -4.37
CA SER A 339 -18.39 24.89 -4.45
C SER A 339 -18.34 25.34 -5.90
N LYS A 340 -17.35 24.85 -6.65
CA LYS A 340 -17.19 25.16 -8.07
C LYS A 340 -18.41 24.79 -8.92
N LEU A 341 -19.41 24.12 -8.35
CA LEU A 341 -20.72 24.04 -8.98
C LEU A 341 -21.55 25.28 -8.61
N LYS A 342 -22.69 25.44 -9.27
CA LYS A 342 -23.48 26.68 -9.15
C LYS A 342 -22.78 27.86 -9.84
N GLU B 6 11.74 37.52 -13.23
CA GLU B 6 12.09 36.58 -14.30
C GLU B 6 12.10 35.14 -13.76
N LEU B 7 13.17 34.37 -14.04
CA LEU B 7 13.26 32.95 -13.68
C LEU B 7 12.13 32.15 -14.37
N ILE B 8 11.96 32.38 -15.67
CA ILE B 8 10.82 31.83 -16.38
C ILE B 8 11.00 30.33 -16.51
N GLY B 9 10.00 29.58 -16.07
CA GLY B 9 10.06 28.13 -16.07
C GLY B 9 10.71 27.53 -14.85
N ALA B 10 11.13 28.37 -13.90
CA ALA B 10 11.78 27.85 -12.71
C ALA B 10 10.74 27.28 -11.75
N CYS B 11 11.20 26.38 -10.90
CA CYS B 11 10.34 25.64 -10.00
C CYS B 11 10.56 26.25 -8.63
N GLU B 12 9.48 26.72 -8.01
CA GLU B 12 9.55 27.36 -6.71
C GLU B 12 9.44 26.36 -5.58
N PHE B 13 10.41 26.38 -4.69
CA PHE B 13 10.46 25.52 -3.51
C PHE B 13 10.27 26.29 -2.22
N MET B 14 10.67 27.55 -2.19
CA MET B 14 10.38 28.49 -1.11
C MET B 14 9.93 29.77 -1.77
N LYS B 15 8.80 30.31 -1.29
CA LYS B 15 8.22 31.50 -1.88
C LYS B 15 9.24 32.63 -1.91
N ASP B 16 9.51 33.11 -3.13
CA ASP B 16 10.40 34.25 -3.39
C ASP B 16 11.80 34.04 -2.85
N ARG B 17 12.29 32.79 -2.81
CA ARG B 17 13.51 32.50 -2.05
C ARG B 17 14.36 31.33 -2.55
N LEU B 18 13.74 30.22 -2.96
CA LEU B 18 14.49 29.06 -3.41
C LEU B 18 13.84 28.50 -4.67
N TYR B 19 14.65 28.31 -5.72
CA TYR B 19 14.18 27.87 -7.01
C TYR B 19 15.11 26.81 -7.57
N PHE B 20 14.58 26.01 -8.48
CA PHE B 20 15.32 25.04 -9.27
C PHE B 20 15.13 25.34 -10.75
N ALA B 21 16.25 25.50 -11.47
CA ALA B 21 16.21 25.91 -12.88
C ALA B 21 17.02 24.98 -13.76
N THR B 22 16.56 24.82 -15.00
CA THR B 22 17.26 24.09 -16.04
C THR B 22 17.67 25.11 -17.09
N LEU B 23 18.97 25.28 -17.26
CA LEU B 23 19.54 26.36 -18.08
C LEU B 23 20.58 25.79 -19.03
N ARG B 24 20.58 26.28 -20.28
CA ARG B 24 21.57 25.82 -21.25
C ARG B 24 22.96 26.35 -20.92
N ASN B 25 23.04 27.61 -20.48
CA ASN B 25 24.32 28.28 -20.27
C ASN B 25 24.48 28.64 -18.80
N ARG B 26 25.74 28.66 -18.34
N ARG B 26 25.73 28.58 -18.35
CA ARG B 26 26.06 28.98 -16.94
CA ARG B 26 26.02 29.00 -16.99
C ARG B 26 25.72 30.43 -16.65
C ARG B 26 25.53 30.44 -16.86
N PRO B 27 24.67 30.75 -15.90
CA PRO B 27 24.26 32.13 -15.69
C PRO B 27 25.18 32.84 -14.71
N LYS B 28 25.05 34.15 -14.67
CA LYS B 28 25.87 34.96 -13.80
C LYS B 28 25.02 35.38 -12.61
N SER B 29 25.54 35.16 -11.39
CA SER B 29 24.83 35.65 -10.21
C SER B 29 24.75 37.15 -10.31
N THR B 30 23.55 37.68 -10.08
CA THR B 30 23.30 39.09 -10.07
C THR B 30 23.17 39.54 -8.62
N ILE B 31 22.82 40.81 -8.43
CA ILE B 31 22.68 41.35 -7.09
C ILE B 31 21.39 40.92 -6.43
N ASN B 32 20.44 40.37 -7.19
CA ASN B 32 19.17 39.85 -6.67
C ASN B 32 19.12 38.33 -6.58
N ILE B 33 19.99 37.63 -7.31
CA ILE B 33 19.83 36.21 -7.55
C ILE B 33 21.18 35.56 -7.42
N HIS B 34 21.27 34.54 -6.59
CA HIS B 34 22.45 33.72 -6.46
C HIS B 34 22.22 32.41 -7.20
N TYR B 35 23.14 32.05 -8.11
CA TYR B 35 23.02 30.82 -8.90
C TYR B 35 24.09 29.85 -8.45
N PHE B 36 23.75 28.55 -8.39
CA PHE B 36 24.77 27.57 -8.10
C PHE B 36 24.35 26.23 -8.70
N SER B 37 25.35 25.44 -9.12
CA SER B 37 25.14 24.14 -9.73
C SER B 37 26.08 23.15 -9.08
N ILE B 38 25.64 21.91 -8.90
CA ILE B 38 26.49 20.84 -8.40
C ILE B 38 26.85 19.85 -9.50
N ASP B 39 26.50 20.13 -10.76
CA ASP B 39 26.65 19.13 -11.82
C ASP B 39 28.10 18.67 -11.95
N GLU B 40 29.07 19.53 -11.65
CA GLU B 40 30.47 19.14 -11.77
C GLU B 40 31.14 18.95 -10.42
N GLU B 41 30.40 19.09 -9.33
CA GLU B 41 30.91 18.95 -7.98
C GLU B 41 30.50 17.65 -7.31
N LEU B 42 29.26 17.24 -7.51
CA LEU B 42 28.73 15.99 -6.96
C LEU B 42 28.46 15.07 -8.15
N VAL B 43 29.41 14.19 -8.46
CA VAL B 43 29.40 13.46 -9.72
C VAL B 43 29.23 11.98 -9.46
N TYR B 44 28.19 11.41 -10.06
CA TYR B 44 27.91 9.97 -9.95
C TYR B 44 29.05 9.15 -10.55
N GLU B 45 29.49 8.13 -9.83
CA GLU B 45 30.47 7.15 -10.32
C GLU B 45 29.72 5.93 -10.81
N ASN B 46 29.76 5.69 -12.12
CA ASN B 46 28.97 4.64 -12.74
C ASN B 46 29.69 3.28 -12.80
N PHE B 47 28.90 2.21 -12.75
CA PHE B 47 29.40 0.88 -13.07
C PHE B 47 29.39 0.63 -14.59
N TYR B 48 28.21 0.74 -15.21
CA TYR B 48 28.12 0.66 -16.65
C TYR B 48 27.37 1.89 -17.15
N ALA B 49 26.11 1.76 -17.53
CA ALA B 49 25.37 2.88 -18.07
C ALA B 49 24.44 3.55 -17.05
N ASP B 50 24.37 3.01 -15.82
CA ASP B 50 23.75 3.72 -14.70
C ASP B 50 24.36 5.10 -14.52
N PHE B 51 23.51 6.09 -14.12
CA PHE B 51 23.95 7.49 -14.03
C PHE B 51 23.45 8.19 -12.76
N GLY B 52 22.81 7.45 -11.85
CA GLY B 52 22.27 7.98 -10.64
C GLY B 52 21.26 6.97 -10.09
N PRO B 53 20.61 7.28 -8.99
CA PRO B 53 20.71 8.51 -8.19
C PRO B 53 22.01 8.66 -7.43
N LEU B 54 22.42 9.91 -7.23
CA LEU B 54 23.55 10.20 -6.36
C LEU B 54 23.34 9.54 -5.00
N ASN B 55 24.44 9.16 -4.39
CA ASN B 55 24.42 8.41 -3.15
C ASN B 55 24.12 9.33 -1.95
N LEU B 56 23.90 8.68 -0.82
CA LEU B 56 23.41 9.37 0.37
C LEU B 56 24.39 10.42 0.87
N ALA B 57 25.70 10.16 0.82
CA ALA B 57 26.67 11.18 1.22
C ALA B 57 26.58 12.41 0.33
N MET B 58 26.33 12.21 -0.96
CA MET B 58 26.17 13.35 -1.85
C MET B 58 24.86 14.09 -1.59
N VAL B 59 23.79 13.38 -1.20
CA VAL B 59 22.58 14.06 -0.75
C VAL B 59 22.89 14.94 0.44
N TYR B 60 23.60 14.37 1.40
CA TYR B 60 24.04 15.09 2.59
C TYR B 60 24.87 16.32 2.26
N ARG B 61 25.89 16.18 1.39
CA ARG B 61 26.74 17.34 1.08
C ARG B 61 25.92 18.45 0.43
N TYR B 62 25.01 18.08 -0.45
CA TYR B 62 24.12 19.06 -1.06
C TYR B 62 23.31 19.79 -0.01
N CYS B 63 22.66 19.04 0.88
CA CYS B 63 21.81 19.64 1.90
C CYS B 63 22.60 20.57 2.81
N CYS B 64 23.80 20.17 3.24
CA CYS B 64 24.65 21.07 4.02
C CYS B 64 24.99 22.34 3.24
N LYS B 65 25.37 22.19 1.97
CA LYS B 65 25.69 23.33 1.13
C LYS B 65 24.52 24.29 1.07
N LEU B 66 23.31 23.74 0.84
CA LEU B 66 22.15 24.60 0.64
C LEU B 66 21.75 25.27 1.95
N ASN B 67 21.79 24.52 3.05
CA ASN B 67 21.49 25.11 4.35
C ASN B 67 22.42 26.26 4.65
N LYS B 68 23.70 26.10 4.32
CA LYS B 68 24.66 27.18 4.51
C LYS B 68 24.25 28.41 3.70
N LYS B 69 23.91 28.21 2.42
CA LYS B 69 23.50 29.35 1.60
C LYS B 69 22.28 30.06 2.18
N LEU B 70 21.33 29.30 2.77
CA LEU B 70 20.10 29.90 3.25
C LEU B 70 20.28 30.62 4.59
N LYS B 71 21.37 30.32 5.30
CA LYS B 71 21.76 31.02 6.51
C LYS B 71 22.69 32.20 6.28
N SER B 72 23.33 32.28 5.13
CA SER B 72 24.33 33.31 4.87
C SER B 72 23.71 34.71 4.99
N TYR B 73 24.43 35.65 5.62
CA TYR B 73 23.89 37.00 5.68
C TYR B 73 23.93 37.68 4.30
N SER B 74 25.04 37.54 3.58
CA SER B 74 25.15 38.22 2.29
C SER B 74 24.12 37.75 1.26
N LEU B 75 23.60 36.52 1.39
CA LEU B 75 22.61 36.00 0.46
C LEU B 75 21.19 36.17 0.97
N SER B 76 21.05 36.75 2.17
CA SER B 76 19.78 36.73 2.89
C SER B 76 18.68 37.50 2.17
N ARG B 77 19.04 38.41 1.26
CA ARG B 77 18.07 39.21 0.52
C ARG B 77 18.00 38.79 -0.95
N LYS B 78 18.60 37.67 -1.30
CA LYS B 78 18.61 37.21 -2.67
C LYS B 78 17.68 36.02 -2.82
N LYS B 79 17.20 35.83 -4.03
CA LYS B 79 16.67 34.53 -4.43
C LYS B 79 17.84 33.58 -4.65
N ILE B 80 17.68 32.34 -4.20
CA ILE B 80 18.68 31.31 -4.37
C ILE B 80 18.17 30.34 -5.40
N VAL B 81 18.98 30.08 -6.42
CA VAL B 81 18.57 29.33 -7.60
C VAL B 81 19.59 28.22 -7.79
N HIS B 82 19.18 26.99 -7.49
CA HIS B 82 19.93 25.79 -7.87
C HIS B 82 19.65 25.52 -9.34
N TYR B 83 20.68 25.51 -10.18
CA TYR B 83 20.47 25.25 -11.58
C TYR B 83 21.23 23.99 -12.01
N THR B 84 20.75 23.42 -13.12
CA THR B 84 21.33 22.25 -13.75
C THR B 84 21.30 22.52 -15.25
N SER B 85 21.86 21.59 -16.03
CA SER B 85 21.98 21.75 -17.48
C SER B 85 20.87 21.00 -18.21
N PHE B 86 20.92 21.01 -19.55
CA PHE B 86 20.03 20.23 -20.38
C PHE B 86 20.60 18.85 -20.64
N ASP B 87 21.67 18.49 -19.96
CA ASP B 87 22.03 17.07 -19.82
C ASP B 87 21.01 16.46 -18.84
N GLN B 88 20.12 15.63 -19.36
CA GLN B 88 19.02 15.06 -18.59
C GLN B 88 19.49 14.11 -17.48
N ARG B 89 20.68 13.53 -17.61
CA ARG B 89 21.17 12.65 -16.57
CA ARG B 89 21.18 12.65 -16.56
C ARG B 89 21.67 13.45 -15.36
N LYS B 90 22.32 14.57 -15.61
CA LYS B 90 22.66 15.53 -14.55
C LYS B 90 21.39 16.13 -13.97
N ARG B 91 20.45 16.50 -14.83
CA ARG B 91 19.22 17.18 -14.40
C ARG B 91 18.39 16.28 -13.48
N ALA B 92 18.30 14.99 -13.80
CA ALA B 92 17.55 14.06 -12.95
C ALA B 92 18.19 13.96 -11.58
N ASN B 93 19.51 13.91 -11.52
CA ASN B 93 20.17 13.89 -10.22
C ASN B 93 19.94 15.19 -9.48
N ALA B 94 20.05 16.34 -10.16
CA ALA B 94 19.90 17.61 -9.46
C ALA B 94 18.48 17.78 -8.91
N ALA B 95 17.48 17.37 -9.68
CA ALA B 95 16.09 17.40 -9.22
C ALA B 95 15.89 16.47 -8.03
N PHE B 96 16.53 15.31 -8.05
CA PHE B 96 16.49 14.42 -6.89
C PHE B 96 17.09 15.07 -5.67
N LEU B 97 18.20 15.80 -5.83
CA LEU B 97 18.85 16.44 -4.71
C LEU B 97 17.95 17.50 -4.08
N ILE B 98 17.36 18.40 -4.89
CA ILE B 98 16.55 19.47 -4.31
C ILE B 98 15.19 18.93 -3.78
N GLY B 99 14.61 17.91 -4.42
CA GLY B 99 13.41 17.26 -3.87
C GLY B 99 13.72 16.57 -2.55
N ALA B 100 14.92 16.01 -2.43
CA ALA B 100 15.28 15.32 -1.21
C ALA B 100 15.50 16.32 -0.08
N TYR B 101 16.14 17.45 -0.39
CA TYR B 101 16.24 18.54 0.58
C TYR B 101 14.85 18.98 1.01
N ALA B 102 13.94 19.08 0.04
CA ALA B 102 12.56 19.50 0.33
C ALA B 102 11.88 18.53 1.28
N VAL B 103 12.09 17.22 1.10
CA VAL B 103 11.49 16.20 1.96
C VAL B 103 12.11 16.21 3.36
N ILE B 104 13.43 16.29 3.42
CA ILE B 104 14.11 16.15 4.70
C ILE B 104 14.05 17.43 5.50
N TYR B 105 14.26 18.58 4.85
CA TYR B 105 14.41 19.83 5.57
C TYR B 105 13.24 20.78 5.44
N LEU B 106 12.53 20.79 4.32
CA LEU B 106 11.35 21.63 4.18
C LEU B 106 10.08 20.89 4.58
N LYS B 107 10.18 19.63 4.94
CA LYS B 107 9.02 18.84 5.40
C LYS B 107 7.93 18.73 4.33
N LYS B 108 8.32 18.64 3.07
CA LYS B 108 7.37 18.35 2.02
C LYS B 108 7.24 16.85 1.88
N THR B 109 6.09 16.43 1.39
CA THR B 109 5.94 15.03 1.01
C THR B 109 6.70 14.82 -0.29
N PRO B 110 7.06 13.58 -0.60
CA PRO B 110 7.59 13.32 -1.94
C PRO B 110 6.70 13.83 -3.03
N GLU B 111 5.37 13.74 -2.88
CA GLU B 111 4.47 14.17 -3.96
C GLU B 111 4.45 15.70 -4.09
N GLU B 112 4.55 16.43 -2.99
CA GLU B 112 4.58 17.90 -3.05
C GLU B 112 5.90 18.38 -3.64
N ALA B 113 6.99 17.74 -3.26
CA ALA B 113 8.29 18.02 -3.85
C ALA B 113 8.28 17.72 -5.35
N TYR B 114 7.74 16.56 -5.77
CA TYR B 114 7.69 16.25 -7.18
C TYR B 114 6.79 17.24 -7.93
N ARG B 115 5.70 17.65 -7.30
CA ARG B 115 4.81 18.65 -7.93
C ARG B 115 5.55 19.97 -8.15
N ALA B 116 6.37 20.40 -7.20
CA ALA B 116 7.18 21.58 -7.44
C ALA B 116 8.12 21.35 -8.62
N LEU B 117 8.76 20.18 -8.68
CA LEU B 117 9.65 19.85 -9.81
C LEU B 117 8.91 19.93 -11.14
N LEU B 118 7.61 19.69 -11.18
CA LEU B 118 6.86 19.78 -12.42
C LEU B 118 6.12 21.11 -12.59
N SER B 119 6.26 22.03 -11.65
CA SER B 119 5.52 23.29 -11.70
C SER B 119 5.93 24.15 -12.89
N GLY B 120 7.22 24.14 -13.23
CA GLY B 120 7.69 24.97 -14.31
C GLY B 120 7.16 24.50 -15.66
N SER B 121 7.58 25.21 -16.69
CA SER B 121 7.45 24.75 -18.06
C SER B 121 8.76 24.07 -18.40
N ASN B 122 8.79 22.74 -18.23
CA ASN B 122 10.00 21.96 -18.41
C ASN B 122 9.64 20.53 -18.80
N PRO B 123 10.47 19.89 -19.61
CA PRO B 123 10.20 18.50 -19.96
C PRO B 123 10.20 17.64 -18.71
N PRO B 124 9.75 16.39 -18.81
CA PRO B 124 9.79 15.51 -17.66
C PRO B 124 11.21 15.12 -17.31
N TYR B 125 11.35 14.35 -16.25
CA TYR B 125 12.66 13.99 -15.75
C TYR B 125 12.95 12.59 -16.23
N LEU B 126 14.18 12.38 -16.59
CA LEU B 126 14.59 11.10 -17.15
C LEU B 126 14.66 10.09 -16.01
N PRO B 127 14.05 8.91 -16.15
CA PRO B 127 14.18 7.89 -15.10
C PRO B 127 15.59 7.31 -15.05
N PHE B 128 15.98 6.93 -13.85
CA PHE B 128 17.24 6.22 -13.67
C PHE B 128 17.14 4.77 -14.15
N ARG B 129 18.27 4.28 -14.66
CA ARG B 129 18.38 2.92 -15.15
C ARG B 129 19.38 2.15 -14.32
N ASP B 130 19.43 0.84 -14.56
CA ASP B 130 20.22 -0.05 -13.73
C ASP B 130 21.64 -0.15 -14.25
N ALA B 131 22.43 -1.00 -13.60
CA ALA B 131 23.85 -1.11 -13.90
C ALA B 131 24.20 -2.29 -14.84
N SER B 132 23.20 -2.87 -15.49
CA SER B 132 23.38 -4.03 -16.35
C SER B 132 23.85 -3.60 -17.74
N PHE B 133 24.37 -4.58 -18.48
CA PHE B 133 24.66 -4.36 -19.89
C PHE B 133 23.39 -4.20 -20.72
N GLY B 134 22.25 -4.63 -20.19
CA GLY B 134 21.01 -4.59 -20.95
C GLY B 134 20.69 -3.24 -21.56
N ASN B 135 19.56 -3.18 -22.22
CA ASN B 135 18.87 -1.93 -22.44
C ASN B 135 17.97 -1.72 -21.23
N CYS B 136 17.66 -0.45 -20.95
CA CYS B 136 16.91 -0.14 -19.73
C CYS B 136 15.54 -0.81 -19.80
N THR B 137 15.15 -1.46 -18.69
CA THR B 137 13.89 -2.19 -18.59
C THR B 137 12.97 -1.73 -17.45
N TYR B 138 13.53 -1.06 -16.44
CA TYR B 138 12.81 -0.68 -15.23
C TYR B 138 13.13 0.78 -14.97
N ASN B 139 12.11 1.61 -14.94
CA ASN B 139 12.24 3.05 -14.78
C ASN B 139 12.13 3.42 -13.30
N LEU B 140 13.26 3.74 -12.67
CA LEU B 140 13.24 4.29 -11.31
C LEU B 140 13.19 5.81 -11.38
N THR B 141 12.06 6.40 -11.02
CA THR B 141 11.85 7.83 -11.23
C THR B 141 12.38 8.65 -10.06
N VAL B 142 12.49 9.96 -10.29
CA VAL B 142 12.80 10.88 -9.20
C VAL B 142 11.80 10.71 -8.07
N LEU B 143 10.52 10.52 -8.40
CA LEU B 143 9.53 10.41 -7.32
C LEU B 143 9.77 9.16 -6.50
N ASP B 144 10.08 8.04 -7.18
CA ASP B 144 10.46 6.81 -6.49
C ASP B 144 11.60 7.06 -5.54
N CYS B 145 12.61 7.79 -6.00
CA CYS B 145 13.77 8.07 -5.16
C CYS B 145 13.36 8.90 -3.94
N LEU B 146 12.43 9.85 -4.12
CA LEU B 146 11.99 10.66 -2.98
C LEU B 146 11.14 9.84 -2.01
N GLN B 147 10.33 8.93 -2.54
CA GLN B 147 9.62 7.96 -1.69
C GLN B 147 10.60 7.09 -0.91
N GLY B 148 11.69 6.67 -1.54
CA GLY B 148 12.69 5.89 -0.84
C GLY B 148 13.34 6.66 0.30
N ILE B 149 13.72 7.92 0.03
CA ILE B 149 14.22 8.82 1.07
C ILE B 149 13.23 8.88 2.22
N ARG B 150 11.94 9.10 1.91
CA ARG B 150 10.94 9.24 2.94
C ARG B 150 10.83 7.99 3.81
N LYS B 151 10.83 6.81 3.19
CA LYS B 151 10.71 5.57 3.94
C LYS B 151 11.95 5.29 4.78
N GLY B 152 13.14 5.52 4.23
CA GLY B 152 14.34 5.40 5.02
C GLY B 152 14.33 6.31 6.23
N LEU B 153 13.81 7.51 6.08
CA LEU B 153 13.69 8.44 7.20
C LEU B 153 12.68 7.91 8.21
N GLN B 154 11.52 7.50 7.72
CA GLN B 154 10.45 6.98 8.55
C GLN B 154 10.92 5.87 9.48
N HIS B 155 11.69 4.93 8.96
CA HIS B 155 12.15 3.77 9.72
C HIS B 155 13.52 3.97 10.35
N GLY B 156 14.05 5.20 10.30
CA GLY B 156 15.36 5.52 10.88
C GLY B 156 16.53 4.79 10.25
N PHE B 157 16.47 4.52 8.94
CA PHE B 157 17.64 3.97 8.26
C PHE B 157 18.72 5.03 8.06
N PHE B 158 18.41 6.31 8.24
CA PHE B 158 19.45 7.34 8.30
C PHE B 158 18.96 8.53 9.10
N ASP B 159 19.90 9.41 9.45
CA ASP B 159 19.68 10.54 10.35
C ASP B 159 20.80 11.53 10.06
N PHE B 160 20.48 12.61 9.34
CA PHE B 160 21.53 13.54 8.99
C PHE B 160 22.03 14.35 10.18
N GLU B 161 21.45 14.21 11.38
CA GLU B 161 22.08 14.81 12.56
C GLU B 161 23.29 14.01 13.02
N THR B 162 23.34 12.71 12.77
CA THR B 162 24.45 11.87 13.20
C THR B 162 25.23 11.25 12.05
N PHE B 163 24.76 11.41 10.83
CA PHE B 163 25.39 10.78 9.68
C PHE B 163 26.81 11.28 9.54
N ASP B 164 27.74 10.33 9.37
CA ASP B 164 29.16 10.60 9.24
C ASP B 164 29.53 10.40 7.78
N ALA B 165 29.52 11.48 7.00
CA ALA B 165 29.73 11.37 5.57
C ALA B 165 31.17 11.02 5.23
N GLU B 166 32.12 11.48 6.04
CA GLU B 166 33.52 11.10 5.87
C GLU B 166 33.68 9.60 5.90
N GLU B 167 33.09 8.96 6.92
CA GLU B 167 33.22 7.50 7.06
C GLU B 167 32.49 6.79 5.94
N TYR B 168 31.27 7.24 5.56
CA TYR B 168 30.59 6.64 4.42
C TYR B 168 31.51 6.65 3.20
N GLU B 169 32.08 7.81 2.90
CA GLU B 169 32.88 8.00 1.70
C GLU B 169 34.27 7.38 1.80
N HIS B 170 34.69 6.98 3.00
CA HIS B 170 35.92 6.20 3.19
C HIS B 170 35.69 4.72 2.95
N TYR B 171 34.69 4.13 3.59
CA TYR B 171 34.53 2.70 3.47
C TYR B 171 33.87 2.31 2.16
N GLU B 172 33.26 3.26 1.45
CA GLU B 172 32.73 2.92 0.14
C GLU B 172 33.85 2.56 -0.83
N ARG B 173 35.08 2.98 -0.54
CA ARG B 173 36.17 2.82 -1.49
C ARG B 173 36.75 1.40 -1.42
N VAL B 174 37.17 0.91 -2.57
CA VAL B 174 37.62 -0.48 -2.66
C VAL B 174 38.83 -0.71 -1.75
N GLU B 175 39.74 0.26 -1.68
CA GLU B 175 40.91 0.10 -0.84
C GLU B 175 40.57 -0.05 0.62
N ASN B 176 39.41 0.46 1.05
CA ASN B 176 39.04 0.38 2.45
C ASN B 176 37.93 -0.64 2.73
N GLY B 177 37.52 -1.40 1.73
CA GLY B 177 36.69 -2.56 1.95
C GLY B 177 35.44 -2.65 1.09
N ASP B 178 35.12 -1.57 0.37
CA ASP B 178 33.94 -1.50 -0.48
C ASP B 178 32.70 -2.06 0.23
N PHE B 179 32.26 -1.33 1.26
CA PHE B 179 31.02 -1.70 1.94
C PHE B 179 30.20 -0.47 2.24
N ASN B 180 28.89 -0.68 2.35
CA ASN B 180 27.94 0.34 2.76
C ASN B 180 26.92 -0.30 3.68
N TRP B 181 26.55 0.42 4.74
CA TRP B 181 25.38 0.05 5.52
C TRP B 181 24.12 0.33 4.72
N ILE B 182 23.20 -0.63 4.74
CA ILE B 182 21.91 -0.50 4.09
C ILE B 182 20.80 -0.32 5.12
N VAL B 183 20.85 -1.09 6.19
CA VAL B 183 19.97 -0.91 7.34
C VAL B 183 20.87 -0.85 8.56
N PRO B 184 20.95 0.26 9.27
CA PRO B 184 21.94 0.35 10.35
C PRO B 184 21.64 -0.65 11.46
N GLY B 185 22.71 -1.31 11.92
CA GLY B 185 22.62 -2.37 12.88
C GLY B 185 22.19 -3.70 12.32
N LYS B 186 21.80 -3.75 11.04
CA LYS B 186 21.23 -5.01 10.54
C LYS B 186 21.89 -5.50 9.26
N PHE B 187 22.09 -4.64 8.26
CA PHE B 187 22.61 -5.11 6.98
C PHE B 187 23.75 -4.24 6.52
N LEU B 188 24.87 -4.89 6.22
CA LEU B 188 26.00 -4.28 5.58
C LEU B 188 26.26 -5.07 4.31
N ALA B 189 26.45 -4.37 3.20
CA ALA B 189 26.66 -4.96 1.90
C ALA B 189 28.09 -4.68 1.46
N PHE B 190 28.77 -5.70 0.94
CA PHE B 190 30.14 -5.54 0.49
C PHE B 190 30.46 -6.53 -0.63
N SER B 191 31.50 -6.21 -1.39
CA SER B 191 32.01 -7.10 -2.42
C SER B 191 32.80 -8.24 -1.78
N GLY B 192 32.84 -9.38 -2.48
CA GLY B 192 33.33 -10.61 -1.88
C GLY B 192 34.81 -10.57 -1.51
N PRO B 193 35.16 -11.01 -0.31
CA PRO B 193 36.59 -11.09 0.03
C PRO B 193 37.29 -12.17 -0.78
N HIS B 194 38.57 -11.93 -1.03
CA HIS B 194 39.49 -12.84 -1.71
C HIS B 194 40.33 -13.59 -0.69
N PRO B 195 41.05 -14.64 -1.13
CA PRO B 195 41.83 -15.44 -0.16
C PRO B 195 43.14 -14.78 0.25
N LYS B 196 43.68 -13.88 -0.58
CA LYS B 196 44.96 -13.23 -0.34
C LYS B 196 44.79 -11.73 -0.38
N SER B 197 44.93 -11.09 0.77
CA SER B 197 44.98 -9.63 0.82
C SER B 197 46.23 -9.16 0.08
N LYS B 198 46.02 -8.39 -0.99
CA LYS B 198 47.10 -8.10 -1.93
C LYS B 198 46.62 -7.03 -2.89
N ILE B 199 47.46 -6.70 -3.86
CA ILE B 199 47.09 -5.86 -4.99
C ILE B 199 47.26 -6.70 -6.25
N GLU B 200 46.45 -6.41 -7.27
CA GLU B 200 46.45 -7.20 -8.50
C GLU B 200 45.99 -6.28 -9.62
N ASN B 201 46.90 -5.91 -10.53
CA ASN B 201 46.56 -5.03 -11.64
C ASN B 201 46.11 -3.65 -11.16
N GLY B 202 46.67 -3.19 -10.04
CA GLY B 202 46.30 -1.90 -9.49
C GLY B 202 44.91 -1.86 -8.89
N TYR B 203 44.44 -2.99 -8.37
CA TYR B 203 43.11 -3.12 -7.80
C TYR B 203 43.23 -3.90 -6.49
N PRO B 204 42.95 -3.29 -5.35
CA PRO B 204 43.21 -3.98 -4.07
C PRO B 204 42.14 -5.03 -3.75
N LEU B 205 42.61 -6.13 -3.15
CA LEU B 205 41.78 -7.24 -2.71
C LEU B 205 41.95 -7.41 -1.20
N HIS B 206 40.93 -7.94 -0.53
CA HIS B 206 40.94 -7.98 0.92
C HIS B 206 40.60 -9.37 1.41
N ALA B 207 41.29 -9.80 2.43
CA ALA B 207 41.03 -11.09 3.03
C ALA B 207 39.93 -10.95 4.07
N PRO B 208 39.23 -12.05 4.35
CA PRO B 208 38.26 -12.07 5.47
C PRO B 208 38.75 -11.44 6.77
N GLU B 209 40.04 -11.59 7.05
CA GLU B 209 40.57 -11.10 8.32
C GLU B 209 40.64 -9.57 8.32
N ALA B 210 40.82 -8.94 7.15
CA ALA B 210 40.82 -7.48 7.06
C ALA B 210 39.57 -6.87 7.68
N TYR B 211 38.47 -7.63 7.71
CA TYR B 211 37.20 -7.11 8.15
C TYR B 211 36.89 -7.40 9.60
N PHE B 212 37.57 -8.37 10.23
CA PHE B 212 37.22 -8.74 11.60
C PHE B 212 37.17 -7.54 12.53
N PRO B 213 38.05 -6.53 12.41
CA PRO B 213 37.99 -5.41 13.36
C PRO B 213 36.65 -4.69 13.29
N TYR B 214 36.38 -4.10 12.12
CA TYR B 214 35.15 -3.32 11.97
C TYR B 214 33.92 -4.16 12.30
N PHE B 215 33.87 -5.39 11.77
CA PHE B 215 32.74 -6.27 12.04
C PHE B 215 32.55 -6.48 13.53
N LYS B 216 33.62 -6.86 14.25
CA LYS B 216 33.47 -7.11 15.66
C LYS B 216 33.02 -5.85 16.38
N LYS B 217 33.62 -4.72 16.04
CA LYS B 217 33.22 -3.47 16.68
C LYS B 217 31.76 -3.13 16.40
N ASN B 218 31.22 -3.58 15.26
CA ASN B 218 29.91 -3.15 14.80
C ASN B 218 28.87 -4.27 14.82
N ASN B 219 29.08 -5.26 15.67
CA ASN B 219 28.10 -6.30 15.96
C ASN B 219 27.72 -7.08 14.70
N VAL B 220 28.57 -7.06 13.68
CA VAL B 220 28.43 -7.99 12.56
C VAL B 220 28.70 -9.39 13.10
N THR B 221 27.64 -10.19 13.28
CA THR B 221 27.72 -11.56 13.78
C THR B 221 27.76 -12.61 12.68
N THR B 222 27.33 -12.29 11.46
CA THR B 222 27.04 -13.31 10.47
C THR B 222 27.41 -12.84 9.07
N ILE B 223 28.02 -13.72 8.28
CA ILE B 223 28.35 -13.43 6.89
C ILE B 223 27.51 -14.37 6.03
N VAL B 224 26.92 -13.83 4.97
CA VAL B 224 26.17 -14.61 3.98
C VAL B 224 26.86 -14.38 2.66
N ARG B 225 27.23 -15.47 1.98
CA ARG B 225 27.86 -15.40 0.66
C ARG B 225 26.86 -15.92 -0.36
N LEU B 226 26.79 -15.25 -1.51
CA LEU B 226 25.84 -15.60 -2.56
C LEU B 226 26.51 -15.86 -3.90
N ASN B 227 27.82 -15.76 -3.97
CA ASN B 227 28.58 -16.00 -5.20
C ASN B 227 29.55 -17.16 -4.97
N LYS B 228 30.33 -17.48 -6.01
CA LYS B 228 31.25 -18.62 -5.98
C LYS B 228 32.26 -18.51 -4.84
N LYS B 229 32.64 -19.66 -4.31
CA LYS B 229 33.59 -19.71 -3.20
C LYS B 229 35.00 -19.45 -3.73
N ILE B 230 35.76 -18.62 -3.00
CA ILE B 230 37.16 -18.33 -3.30
C ILE B 230 37.88 -18.03 -1.98
N TYR B 231 37.29 -18.46 -0.87
CA TYR B 231 37.91 -18.37 0.44
C TYR B 231 37.22 -19.39 1.33
N GLU B 232 37.84 -19.67 2.47
CA GLU B 232 37.33 -20.69 3.35
C GLU B 232 36.39 -20.06 4.36
N ALA B 233 35.12 -20.47 4.32
CA ALA B 233 34.17 -20.08 5.35
C ALA B 233 34.69 -20.37 6.74
N LYS B 234 35.70 -21.25 6.86
CA LYS B 234 36.36 -21.47 8.15
C LYS B 234 37.02 -20.18 8.63
N ARG B 235 37.61 -19.40 7.71
CA ARG B 235 38.28 -18.16 8.09
C ARG B 235 37.39 -17.26 8.95
N PHE B 236 36.09 -17.17 8.61
CA PHE B 236 35.17 -16.37 9.42
C PHE B 236 34.71 -17.12 10.67
N THR B 237 34.30 -18.39 10.52
CA THR B 237 33.78 -19.12 11.68
C THR B 237 34.85 -19.34 12.74
N ASP B 238 36.12 -19.29 12.36
CA ASP B 238 37.23 -19.40 13.31
C ASP B 238 37.29 -18.16 14.19
N ALA B 239 36.97 -17.01 13.62
CA ALA B 239 36.88 -15.76 14.36
C ALA B 239 35.61 -15.66 15.18
N GLY B 240 34.76 -16.70 15.18
CA GLY B 240 33.49 -16.66 15.88
C GLY B 240 32.34 -16.09 15.08
N PHE B 241 32.53 -15.82 13.79
CA PHE B 241 31.42 -15.37 12.95
C PHE B 241 30.61 -16.56 12.45
N GLU B 242 29.30 -16.38 12.37
CA GLU B 242 28.55 -17.35 11.61
C GLU B 242 28.72 -17.06 10.12
N HIS B 243 28.51 -18.09 9.30
CA HIS B 243 28.75 -17.97 7.87
C HIS B 243 27.80 -18.91 7.15
N TYR B 244 27.12 -18.39 6.13
CA TYR B 244 26.12 -19.14 5.39
C TYR B 244 26.38 -18.97 3.91
N ASP B 245 25.93 -19.95 3.13
CA ASP B 245 26.19 -19.99 1.69
C ASP B 245 24.88 -20.18 0.95
N LEU B 246 24.56 -19.26 0.05
CA LEU B 246 23.30 -19.26 -0.70
C LEU B 246 23.62 -18.83 -2.12
N PHE B 247 24.34 -19.69 -2.84
CA PHE B 247 24.80 -19.32 -4.18
C PHE B 247 23.63 -19.22 -5.15
N PHE B 248 23.60 -18.18 -5.95
CA PHE B 248 22.86 -18.24 -7.18
C PHE B 248 23.62 -17.46 -8.23
N ILE B 249 23.26 -17.75 -9.48
CA ILE B 249 24.05 -17.29 -10.62
C ILE B 249 24.06 -15.77 -10.66
N ASP B 250 25.20 -15.24 -11.08
CA ASP B 250 25.32 -13.80 -11.23
C ASP B 250 24.32 -13.29 -12.25
N GLY B 251 23.59 -12.26 -11.88
CA GLY B 251 22.60 -11.68 -12.75
C GLY B 251 21.26 -12.37 -12.76
N SER B 252 21.09 -13.45 -12.00
CA SER B 252 19.86 -14.23 -11.99
C SER B 252 18.97 -13.84 -10.82
N THR B 253 17.69 -14.22 -10.92
CA THR B 253 16.79 -13.98 -9.80
C THR B 253 16.77 -15.20 -8.86
N PRO B 254 16.73 -15.00 -7.54
CA PRO B 254 16.90 -16.15 -6.64
C PRO B 254 15.66 -17.03 -6.59
N SER B 255 15.89 -18.32 -6.37
CA SER B 255 14.80 -19.27 -6.26
C SER B 255 14.00 -19.01 -5.00
N ASP B 256 12.77 -19.54 -4.97
CA ASP B 256 11.97 -19.46 -3.74
C ASP B 256 12.72 -20.04 -2.56
N ASN B 257 13.51 -21.09 -2.81
CA ASN B 257 14.21 -21.74 -1.70
C ASN B 257 15.31 -20.83 -1.12
N ILE B 258 16.05 -20.13 -1.98
CA ILE B 258 17.11 -19.24 -1.51
C ILE B 258 16.52 -18.06 -0.74
N VAL B 259 15.43 -17.48 -1.24
CA VAL B 259 14.79 -16.40 -0.50
C VAL B 259 14.34 -16.89 0.87
N ARG B 260 13.64 -18.04 0.91
N ARG B 260 13.63 -18.03 0.91
CA ARG B 260 13.16 -18.57 2.18
CA ARG B 260 13.17 -18.59 2.17
C ARG B 260 14.31 -18.79 3.16
C ARG B 260 14.33 -18.75 3.15
N ARG B 261 15.46 -19.26 2.68
CA ARG B 261 16.58 -19.50 3.58
C ARG B 261 17.25 -18.21 4.00
N PHE B 262 17.45 -17.29 3.04
CA PHE B 262 17.97 -15.98 3.39
C PHE B 262 17.13 -15.36 4.51
N LEU B 263 15.81 -15.40 4.36
CA LEU B 263 14.94 -14.76 5.34
C LEU B 263 15.02 -15.45 6.69
N ASN B 264 15.14 -16.78 6.71
CA ASN B 264 15.21 -17.52 7.98
C ASN B 264 16.46 -17.15 8.76
N ILE B 265 17.62 -17.21 8.10
CA ILE B 265 18.88 -16.75 8.65
C ILE B 265 18.70 -15.39 9.31
N CYS B 266 18.22 -14.40 8.54
CA CYS B 266 18.24 -13.03 9.04
C CYS B 266 17.24 -12.84 10.17
N GLU B 267 16.14 -13.57 10.14
CA GLU B 267 15.13 -13.45 11.18
C GLU B 267 15.54 -14.12 12.48
N ASN B 268 16.50 -15.06 12.41
CA ASN B 268 16.98 -15.80 13.58
C ASN B 268 18.42 -15.43 13.94
N THR B 269 18.92 -14.32 13.39
CA THR B 269 20.17 -13.71 13.78
C THR B 269 19.85 -12.44 14.54
N GLU B 270 20.50 -12.24 15.69
CA GLU B 270 20.23 -11.03 16.46
C GLU B 270 21.13 -9.88 16.06
N GLY B 271 22.37 -10.15 15.65
CA GLY B 271 23.30 -9.09 15.31
C GLY B 271 23.12 -8.57 13.89
N ALA B 272 24.11 -7.80 13.46
CA ALA B 272 24.16 -7.33 12.09
C ALA B 272 24.66 -8.44 11.17
N ILE B 273 24.30 -8.33 9.89
CA ILE B 273 24.56 -9.36 8.89
C ILE B 273 25.29 -8.72 7.72
N ALA B 274 26.44 -9.28 7.34
CA ALA B 274 27.24 -8.76 6.24
C ALA B 274 27.04 -9.66 5.03
N VAL B 275 26.54 -9.10 3.93
CA VAL B 275 26.11 -9.86 2.77
C VAL B 275 27.02 -9.47 1.62
N HIS B 276 27.51 -10.46 0.89
CA HIS B 276 28.33 -10.18 -0.26
C HIS B 276 27.98 -11.15 -1.37
N SER B 277 28.12 -10.65 -2.59
CA SER B 277 28.19 -11.47 -3.76
C SER B 277 29.55 -11.14 -4.39
N LYS B 278 29.71 -11.24 -5.70
CA LYS B 278 30.98 -10.83 -6.30
C LYS B 278 31.20 -9.35 -6.10
N ALA B 279 30.33 -8.52 -6.72
CA ALA B 279 30.40 -7.07 -6.58
C ALA B 279 29.69 -6.56 -5.33
N GLY B 280 28.85 -7.37 -4.69
CA GLY B 280 28.03 -6.87 -3.58
C GLY B 280 26.89 -5.98 -4.03
N LEU B 281 26.44 -6.13 -5.26
CA LEU B 281 25.44 -5.25 -5.86
C LEU B 281 24.13 -5.97 -6.20
N GLY B 282 24.10 -6.73 -7.29
CA GLY B 282 22.87 -7.36 -7.77
C GLY B 282 22.29 -8.38 -6.82
N ARG B 283 22.97 -9.51 -6.60
CA ARG B 283 22.42 -10.57 -5.75
C ARG B 283 22.26 -10.10 -4.31
N THR B 284 23.27 -9.39 -3.79
CA THR B 284 23.21 -8.84 -2.44
C THR B 284 22.04 -7.85 -2.26
N GLY B 285 21.91 -6.90 -3.19
CA GLY B 285 20.83 -5.93 -3.09
C GLY B 285 19.47 -6.60 -3.15
N THR B 286 19.35 -7.66 -3.96
CA THR B 286 18.07 -8.27 -4.19
C THR B 286 17.57 -8.96 -2.94
N LEU B 287 18.44 -9.70 -2.25
CA LEU B 287 17.98 -10.45 -1.08
C LEU B 287 17.77 -9.54 0.13
N ILE B 288 18.63 -8.55 0.33
CA ILE B 288 18.37 -7.56 1.36
C ILE B 288 17.02 -6.89 1.11
N ALA B 289 16.72 -6.56 -0.16
CA ALA B 289 15.42 -5.95 -0.51
C ALA B 289 14.26 -6.84 -0.10
N CYS B 290 14.36 -8.16 -0.34
CA CYS B 290 13.28 -9.08 0.01
C CYS B 290 12.98 -9.00 1.50
N TYR B 291 14.04 -8.98 2.33
CA TYR B 291 13.87 -8.85 3.76
C TYR B 291 13.20 -7.53 4.12
N VAL B 292 13.66 -6.44 3.52
CA VAL B 292 13.15 -5.15 3.93
C VAL B 292 11.70 -5.00 3.49
N MET B 293 11.37 -5.50 2.30
CA MET B 293 9.97 -5.45 1.88
C MET B 293 9.10 -6.28 2.80
N LYS B 294 9.58 -7.48 3.19
CA LYS B 294 8.77 -8.34 4.06
C LYS B 294 8.53 -7.71 5.43
N HIS B 295 9.56 -7.12 6.04
CA HIS B 295 9.48 -6.68 7.42
C HIS B 295 9.18 -5.22 7.58
N TYR B 296 9.36 -4.41 6.55
CA TYR B 296 9.11 -2.99 6.68
C TYR B 296 8.08 -2.50 5.69
N ARG B 297 7.65 -3.36 4.76
CA ARG B 297 6.61 -3.03 3.79
CA ARG B 297 6.60 -3.02 3.80
C ARG B 297 7.02 -1.83 2.93
N PHE B 298 8.31 -1.78 2.58
CA PHE B 298 8.72 -0.95 1.45
C PHE B 298 8.10 -1.52 0.17
N THR B 299 7.65 -0.63 -0.74
CA THR B 299 7.33 -1.09 -2.08
C THR B 299 8.62 -1.43 -2.82
N HIS B 300 8.46 -2.08 -3.97
CA HIS B 300 9.62 -2.46 -4.77
C HIS B 300 10.42 -1.23 -5.19
N ALA B 301 9.72 -0.15 -5.55
CA ALA B 301 10.38 1.07 -5.99
C ALA B 301 11.09 1.79 -4.86
N GLU B 302 10.44 1.84 -3.67
CA GLU B 302 11.05 2.43 -2.49
C GLU B 302 12.32 1.71 -2.09
N ILE B 303 12.33 0.37 -2.17
CA ILE B 303 13.49 -0.36 -1.70
C ILE B 303 14.60 -0.34 -2.74
N ILE B 304 14.27 -0.41 -4.03
CA ILE B 304 15.31 -0.25 -5.06
C ILE B 304 15.98 1.10 -4.92
N ALA B 305 15.19 2.17 -4.77
CA ALA B 305 15.71 3.50 -4.52
C ALA B 305 16.61 3.55 -3.29
N TRP B 306 16.11 3.05 -2.15
CA TRP B 306 16.85 3.20 -0.89
C TRP B 306 18.19 2.48 -0.96
N ILE B 307 18.19 1.24 -1.47
CA ILE B 307 19.43 0.45 -1.47
C ILE B 307 20.44 1.04 -2.46
N ARG B 308 19.98 1.57 -3.60
CA ARG B 308 20.90 2.23 -4.53
C ARG B 308 21.41 3.58 -4.01
N ILE B 309 20.60 4.33 -3.25
CA ILE B 309 21.10 5.56 -2.62
C ILE B 309 22.20 5.21 -1.63
N CYS B 310 22.07 4.07 -0.94
CA CYS B 310 23.10 3.60 0.00
C CYS B 310 24.30 2.99 -0.72
N ARG B 311 24.04 2.28 -1.82
CA ARG B 311 25.05 1.47 -2.49
C ARG B 311 24.74 1.45 -3.97
N PRO B 312 25.26 2.46 -4.72
CA PRO B 312 24.93 2.58 -6.14
C PRO B 312 25.24 1.30 -6.92
N GLY B 313 24.43 1.06 -7.95
CA GLY B 313 24.52 -0.13 -8.78
C GLY B 313 23.75 -1.34 -8.30
N SER B 314 23.24 -1.31 -7.07
CA SER B 314 22.55 -2.46 -6.50
C SER B 314 21.29 -2.81 -7.28
N ILE B 315 21.01 -4.13 -7.41
CA ILE B 315 19.79 -4.73 -7.98
C ILE B 315 19.74 -4.53 -9.48
N ILE B 316 19.94 -5.62 -10.23
CA ILE B 316 20.37 -5.51 -11.62
C ILE B 316 19.48 -6.37 -12.51
N GLY B 317 19.06 -5.76 -13.62
CA GLY B 317 18.39 -6.44 -14.69
C GLY B 317 17.06 -7.00 -14.25
N PRO B 318 16.90 -8.31 -14.38
CA PRO B 318 15.62 -8.93 -14.03
C PRO B 318 15.38 -8.99 -12.53
N GLN B 319 16.40 -8.73 -11.72
CA GLN B 319 16.19 -8.61 -10.28
C GLN B 319 15.22 -7.46 -9.92
N GLN B 320 15.20 -6.38 -10.73
CA GLN B 320 14.27 -5.27 -10.50
C GLN B 320 12.82 -5.71 -10.62
N HIS B 321 12.49 -6.37 -11.73
CA HIS B 321 11.12 -6.82 -12.00
C HIS B 321 10.72 -7.96 -11.08
N PHE B 322 11.71 -8.73 -10.63
CA PHE B 322 11.50 -9.77 -9.65
C PHE B 322 10.94 -9.18 -8.36
N LEU B 323 11.58 -8.11 -7.86
CA LEU B 323 11.11 -7.46 -6.65
C LEU B 323 9.70 -6.91 -6.82
N LYS B 324 9.39 -6.37 -8.01
CA LYS B 324 8.02 -5.91 -8.27
C LYS B 324 7.02 -7.06 -8.26
N GLU B 325 7.42 -8.17 -8.84
CA GLU B 325 6.54 -9.33 -9.00
C GLU B 325 6.31 -10.02 -7.67
N LYS B 326 7.27 -9.92 -6.74
CA LYS B 326 7.19 -10.59 -5.45
C LYS B 326 6.67 -9.71 -4.34
N GLN B 327 6.45 -8.41 -4.60
CA GLN B 327 6.04 -7.49 -3.54
C GLN B 327 4.77 -7.96 -2.79
N ALA B 328 3.70 -8.24 -3.51
CA ALA B 328 2.46 -8.62 -2.84
C ALA B 328 2.71 -9.78 -1.89
N SER B 329 3.38 -10.82 -2.40
CA SER B 329 3.67 -12.01 -1.61
C SER B 329 4.58 -11.72 -0.42
N LEU B 330 5.61 -10.90 -0.61
CA LEU B 330 6.53 -10.63 0.50
C LEU B 330 5.84 -9.89 1.62
N TRP B 331 4.95 -8.95 1.25
CA TRP B 331 4.16 -8.21 2.24
C TRP B 331 3.27 -9.17 3.03
N VAL B 332 2.57 -10.08 2.34
CA VAL B 332 1.71 -11.07 3.00
C VAL B 332 2.54 -11.97 3.91
N GLN B 333 3.73 -12.39 3.44
CA GLN B 333 4.62 -13.19 4.28
C GLN B 333 5.01 -12.45 5.56
N GLY B 334 5.19 -11.14 5.47
CA GLY B 334 5.43 -10.35 6.68
C GLY B 334 4.22 -10.31 7.59
N ASP B 335 3.02 -10.20 7.03
CA ASP B 335 1.85 -10.25 7.91
C ASP B 335 1.75 -11.60 8.62
N ILE B 336 1.99 -12.68 7.89
CA ILE B 336 1.92 -14.00 8.51
C ILE B 336 2.97 -14.11 9.61
N PHE B 337 4.22 -13.71 9.31
CA PHE B 337 5.31 -13.73 10.29
C PHE B 337 4.90 -13.03 11.57
N ARG B 338 4.38 -11.82 11.44
CA ARG B 338 4.04 -11.05 12.63
C ARG B 338 2.84 -11.67 13.36
N SER B 339 1.98 -12.39 12.64
CA SER B 339 0.79 -12.94 13.25
C SER B 339 1.11 -14.12 14.16
N LYS B 340 2.36 -14.64 14.11
CA LYS B 340 2.79 -15.76 14.94
C LYS B 340 3.66 -15.30 16.14
N LEU B 341 3.81 -13.98 16.34
CA LEU B 341 4.75 -13.53 17.34
C LEU B 341 4.11 -13.57 18.72
N LYS B 342 4.95 -13.40 19.74
CA LYS B 342 4.51 -13.40 21.13
C LYS B 342 5.12 -12.20 21.85
N ASN B 343 4.81 -11.01 21.36
CA ASN B 343 5.32 -9.77 21.90
C ASN B 343 4.21 -8.96 22.54
N ARG B 344 4.66 -8.02 23.39
CA ARG B 344 3.87 -6.94 24.00
C ARG B 344 3.47 -7.40 25.39
#